data_6FHN
#
_entry.id   6FHN
#
_cell.length_a   103.270
_cell.length_b   103.270
_cell.length_c   210.350
_cell.angle_alpha   90.00
_cell.angle_beta   90.00
_cell.angle_gamma   120.00
#
_symmetry.space_group_name_H-M   'P 32 2 1'
#
loop_
_entity.id
_entity.type
_entity.pdbx_description
1 polymer protein
2 non-polymer 'PLATINUM (II) ION'
3 non-polymer 2-[3-(2-HYDROXY-1,1-DIHYDROXYMETHYL-ETHYLAMINO)-PROPYLAMINO]-2-HYDROXYMETHYL-PROPANE-1,3-DIOL
4 non-polymer 'THIOCYANATE ION'
5 non-polymer 'CALCIUM ION'
6 non-polymer 'SODIUM ION'
7 non-polymer 'CHLORIDE ION'
8 non-polymer 'MALONATE ION'
9 water water
#
_entity_poly.entity_id   1
_entity_poly.type   'polypeptide(L)'
_entity_poly.pdbx_seq_one_letter_code
;GVVQSVNVSQAGYSSNDFKTATVTASDKLSDTSYQILQGTTVIATGTMKDEGYVWGKYVYSIDFSSVTATGTNFTIRSNG
VSSYTFPIQTNMWNEYKDEMTAFYRLLRTTDTFAAYPAGYSNIAPSNKILHPDSFLDDAFSPDRTTHYDLTGGWFDAGDY
GKYGGNQWVQGNIAISYLRHASSAAVNFDKDTNGIPDLVDEAIFGSQYLVKFANQLGGAIHNILRKGGFVLPHKVTDNVP
GNTDDRALEAVEAVGGSGKSSGSLAATARAIRTAIAGGKVAANKVAQLQTLANEFQAAAIIFYNYTLTHQSGNHGSYGTM
NNGGIANPLLWAEVQLYLLTGDAAYKTQAQTRINAINEAYVSSTNYWDMHPIALAEFYPVADSAIKTKIQSILKHQAYYF
ITLMDETPYGVLNQFGNFGVNEPHASYMADLLRYYELFNDPVALRAAKKALYWIVGNNPWNISWVSGVGSNFTDFLHTRL
DEEAYSQTNTGVVLPGAMVSGPNIKDPNNKLSSSPWYEDKPIWADDTNQWRYNEYSVSIQTGLFYTIMGLSALGGNASTG
GAEPVKLPITWPIIGDYVTGDVTVFAQPEGSLSNVSANGIVLSPSDGVYTTTVSTSADAPYTERKVQIKGTDDSGFTTYS
NTHFTVAPALPDPSHPLLFDDFNQKGIWGSQKLDWVNWYNQNGGTASYTRTTVDTRTVGKFAHTPAATTSKAKFQPWKYN
ANLNGYRYLNFTMKNPGYPNTKIRIAANDGTKSVNLTSGEVAISSTWTTYQYDLNLHPTLNKSNVLIEVWLSNPTAGAYG
EILIDEISAVNTNSGTAPTLSATGVNASIGNQSTVFTYTATYTDANNQAPFDVQVVIDGVIRSMTAADPTDTTYSDGRVY
TYATTLPVGTHKFYFRTTDTTTNFVSTSVQTGPTVIRNKLEAEVLSINLTNYTHAVKDNADASGGKYRLFNGRQANDYIE
YAVNVPKAGTYQVSA(UNK)(UNK)(UNK)(UNK)(UNK)(UNK)(UNK)(UNK)(UNK)(UNK)(UNK)(UNK)(UNK)
(UNK)(UNK)(UNK)(UNK)G(UNK)(UNK)(UNK)(UNK)(UNK)(UNK)(UNK)(UNK)(UNK)(UNK)(UNK)
(UNK)(UNK)(UNK)(UNK)(UNK)
;
_entity_poly.pdbx_strand_id   A
#
loop_
_chem_comp.id
_chem_comp.type
_chem_comp.name
_chem_comp.formula
B3P non-polymer 2-[3-(2-HYDROXY-1,1-DIHYDROXYMETHYL-ETHYLAMINO)-PROPYLAMINO]-2-HYDROXYMETHYL-PROPANE-1,3-DIOL 'C11 H26 N2 O6'
CA non-polymer 'CALCIUM ION' 'Ca 2'
CL non-polymer 'CHLORIDE ION' 'Cl -1'
MLI non-polymer 'MALONATE ION' 'C3 H2 O4 -2'
NA non-polymer 'SODIUM ION' 'Na 1'
PT non-polymer 'PLATINUM (II) ION' 'Pt 2'
SCN non-polymer 'THIOCYANATE ION' 'C N S -1'
#
# COMPACT_ATOMS: atom_id res chain seq x y z
N GLY A 1 13.79 20.19 18.77
CA GLY A 1 12.55 19.44 18.39
C GLY A 1 11.38 20.38 18.11
N VAL A 2 10.86 20.34 16.89
CA VAL A 2 9.82 21.27 16.46
C VAL A 2 8.60 20.46 15.98
N VAL A 3 7.40 20.89 16.37
CA VAL A 3 6.16 20.25 15.92
C VAL A 3 5.89 20.57 14.46
N GLN A 4 5.72 19.52 13.65
CA GLN A 4 5.42 19.70 12.24
C GLN A 4 3.91 19.79 12.07
N SER A 5 3.18 18.91 12.74
CA SER A 5 1.73 18.84 12.60
C SER A 5 1.06 18.20 13.81
N VAL A 6 -0.16 18.64 14.07
CA VAL A 6 -1.06 17.98 14.99
C VAL A 6 -2.16 17.35 14.14
N ASN A 7 -2.16 16.03 14.07
CA ASN A 7 -3.01 15.28 13.12
C ASN A 7 -4.23 14.75 13.84
N VAL A 8 -5.36 14.85 13.17
CA VAL A 8 -6.65 14.65 13.80
C VAL A 8 -7.60 13.93 12.81
N SER A 9 -8.64 13.24 13.31
CA SER A 9 -9.78 12.93 12.43
C SER A 9 -10.47 14.23 11.99
N GLN A 10 -10.18 14.68 10.78
CA GLN A 10 -10.69 15.93 10.24
C GLN A 10 -12.20 15.88 10.00
N ALA A 11 -12.72 14.66 9.89
CA ALA A 11 -14.15 14.41 9.81
C ALA A 11 -14.87 14.58 11.13
N GLY A 12 -14.10 14.59 12.23
CA GLY A 12 -14.60 14.74 13.57
C GLY A 12 -14.63 13.43 14.32
N TYR A 13 -15.33 13.41 15.46
CA TYR A 13 -15.46 12.25 16.33
C TYR A 13 -16.86 12.24 16.92
N SER A 14 -17.34 11.08 17.33
CA SER A 14 -18.59 11.04 18.08
C SER A 14 -18.32 11.31 19.58
N SER A 15 -19.29 11.93 20.23
CA SER A 15 -19.15 12.43 21.62
CA SER A 15 -19.13 12.44 21.59
C SER A 15 -18.68 11.40 22.60
N ASN A 16 -19.32 10.23 22.57
CA ASN A 16 -19.01 9.16 23.50
C ASN A 16 -17.96 8.16 23.01
N ASP A 17 -17.32 8.42 21.88
CA ASP A 17 -16.35 7.48 21.32
C ASP A 17 -14.96 7.75 21.86
N PHE A 18 -14.12 6.72 21.70
CA PHE A 18 -12.68 6.83 21.79
C PHE A 18 -12.17 7.89 20.82
N LYS A 19 -11.23 8.71 21.27
CA LYS A 19 -10.73 9.78 20.43
C LYS A 19 -9.24 9.85 20.61
N THR A 20 -8.55 9.95 19.47
CA THR A 20 -7.11 10.07 19.44
CA THR A 20 -7.12 10.08 19.47
C THR A 20 -6.64 11.05 18.40
N ALA A 21 -5.47 11.60 18.65
CA ALA A 21 -4.78 12.48 17.73
C ALA A 21 -3.31 12.17 17.88
N THR A 22 -2.51 12.63 16.91
CA THR A 22 -1.07 12.47 16.99
C THR A 22 -0.36 13.78 16.76
N VAL A 23 0.85 13.87 17.29
CA VAL A 23 1.74 15.00 17.08
C VAL A 23 3.03 14.46 16.47
N THR A 24 3.35 14.99 15.28
CA THR A 24 4.51 14.57 14.54
C THR A 24 5.52 15.70 14.65
N ALA A 25 6.67 15.42 15.25
CA ALA A 25 7.70 16.42 15.47
C ALA A 25 9.01 16.05 14.80
N SER A 26 9.82 17.08 14.50
CA SER A 26 11.11 16.93 13.85
C SER A 26 12.03 16.07 14.72
N ASP A 27 11.83 16.15 16.03
CA ASP A 27 12.58 15.35 16.99
C ASP A 27 11.85 15.41 18.34
N LYS A 28 12.40 14.75 19.37
CA LYS A 28 11.85 14.78 20.73
C LYS A 28 11.67 16.23 21.26
N LEU A 29 10.51 16.48 21.89
CA LEU A 29 10.11 17.80 22.33
C LEU A 29 10.47 17.99 23.79
N SER A 30 10.88 19.20 24.16
N SER A 30 10.88 19.20 24.16
CA SER A 30 11.13 19.54 25.56
CA SER A 30 11.13 19.55 25.55
C SER A 30 9.80 19.71 26.29
C SER A 30 9.81 19.74 26.31
N ASP A 31 8.83 20.36 25.63
CA ASP A 31 7.49 20.57 26.16
C ASP A 31 6.57 19.54 25.52
N THR A 32 6.15 18.57 26.34
CA THR A 32 5.25 17.50 25.95
C THR A 32 3.79 17.80 26.32
N SER A 33 3.45 19.04 26.67
CA SER A 33 2.08 19.39 26.99
C SER A 33 1.23 19.61 25.72
N TYR A 34 -0.08 19.39 25.86
CA TYR A 34 -1.04 19.73 24.83
C TYR A 34 -2.21 20.49 25.46
N GLN A 35 -2.95 21.19 24.61
CA GLN A 35 -4.16 21.86 24.98
C GLN A 35 -5.25 21.47 23.96
N ILE A 36 -6.49 21.38 24.42
CA ILE A 36 -7.64 21.15 23.53
C ILE A 36 -8.56 22.33 23.69
N LEU A 37 -8.98 22.90 22.57
CA LEU A 37 -9.79 24.13 22.54
C LEU A 37 -11.12 23.99 21.81
N GLN A 38 -12.07 24.86 22.18
CA GLN A 38 -13.27 25.18 21.39
C GLN A 38 -13.18 26.55 20.61
N GLY A 39 -12.01 27.17 20.54
CA GLY A 39 -11.76 28.21 19.55
C GLY A 39 -10.44 28.81 19.88
N THR A 40 -10.48 29.89 20.65
CA THR A 40 -9.30 30.34 21.37
C THR A 40 -9.48 30.17 22.89
N THR A 41 -10.48 29.39 23.33
CA THR A 41 -10.57 28.93 24.73
C THR A 41 -10.12 27.48 24.98
N VAL A 42 -9.34 27.28 26.04
CA VAL A 42 -8.87 25.96 26.40
C VAL A 42 -9.90 25.21 27.26
N ILE A 43 -10.30 24.00 26.81
CA ILE A 43 -11.23 23.12 27.54
C ILE A 43 -10.60 21.85 28.18
N ALA A 44 -9.34 21.57 27.86
CA ALA A 44 -8.58 20.45 28.46
C ALA A 44 -7.11 20.68 28.21
N THR A 45 -6.27 20.19 29.11
CA THR A 45 -4.83 20.19 28.93
C THR A 45 -4.29 18.87 29.45
N GLY A 46 -3.10 18.51 29.02
CA GLY A 46 -2.42 17.36 29.60
C GLY A 46 -1.03 17.18 29.05
N THR A 47 -0.50 15.97 29.28
CA THR A 47 0.81 15.55 28.80
C THR A 47 0.59 14.47 27.72
N MET A 48 1.25 14.66 26.58
CA MET A 48 1.16 13.72 25.46
CA MET A 48 1.14 13.74 25.46
C MET A 48 1.87 12.42 25.79
N LYS A 49 1.43 11.35 25.14
CA LYS A 49 2.09 10.06 25.29
C LYS A 49 3.24 9.96 24.29
N ASP A 50 4.45 9.63 24.77
CA ASP A 50 5.62 9.43 23.92
C ASP A 50 5.42 8.17 23.07
N GLU A 51 5.56 8.31 21.74
CA GLU A 51 5.51 7.15 20.81
C GLU A 51 6.86 6.92 20.11
N GLY A 52 7.92 7.64 20.49
CA GLY A 52 9.25 7.42 19.90
C GLY A 52 9.36 7.79 18.41
N TYR A 53 10.43 7.32 17.79
CA TYR A 53 10.68 7.66 16.38
C TYR A 53 9.86 6.77 15.48
N VAL A 54 9.12 7.38 14.58
CA VAL A 54 8.31 6.67 13.59
C VAL A 54 8.49 7.40 12.28
N TRP A 55 8.93 6.66 11.26
CA TRP A 55 9.03 7.17 9.88
C TRP A 55 9.78 8.51 9.80
N GLY A 56 10.94 8.55 10.45
CA GLY A 56 11.88 9.68 10.37
C GLY A 56 11.51 10.89 11.25
N LYS A 57 10.44 10.74 12.04
CA LYS A 57 9.89 11.78 12.90
C LYS A 57 9.83 11.24 14.31
N TYR A 58 9.73 12.15 15.27
CA TYR A 58 9.38 11.78 16.63
C TYR A 58 7.88 12.04 16.83
N VAL A 59 7.18 11.08 17.42
CA VAL A 59 5.71 11.10 17.43
C VAL A 59 5.17 10.98 18.86
N TYR A 60 4.05 11.66 19.08
CA TYR A 60 3.30 11.57 20.33
C TYR A 60 1.85 11.27 20.02
N SER A 61 1.14 10.68 20.97
CA SER A 61 -0.30 10.50 20.83
C SER A 61 -1.01 11.14 22.00
N ILE A 62 -2.27 11.47 21.76
CA ILE A 62 -3.15 12.10 22.73
C ILE A 62 -4.48 11.35 22.70
N ASP A 63 -4.81 10.71 23.81
CA ASP A 63 -6.13 10.12 24.05
C ASP A 63 -7.02 11.16 24.71
N PHE A 64 -7.99 11.68 23.97
CA PHE A 64 -8.91 12.70 24.56
C PHE A 64 -10.35 12.20 24.58
N SER A 65 -10.49 10.89 24.78
CA SER A 65 -11.78 10.21 24.76
C SER A 65 -12.71 10.82 25.78
N SER A 66 -12.17 11.20 26.95
CA SER A 66 -12.99 11.79 28.01
C SER A 66 -13.64 13.14 27.67
N VAL A 67 -13.22 13.81 26.61
CA VAL A 67 -13.94 15.00 26.09
C VAL A 67 -15.22 14.56 25.39
N THR A 68 -16.38 14.87 26.01
CA THR A 68 -17.70 14.49 25.47
CA THR A 68 -17.70 14.49 25.47
C THR A 68 -18.53 15.70 25.02
N ALA A 69 -17.94 16.89 25.04
CA ALA A 69 -18.56 18.10 24.53
C ALA A 69 -18.88 17.94 23.06
N THR A 70 -19.99 18.51 22.60
CA THR A 70 -20.32 18.53 21.17
C THR A 70 -20.17 19.93 20.61
N GLY A 71 -20.17 20.00 19.29
CA GLY A 71 -19.85 21.24 18.58
C GLY A 71 -18.93 21.11 17.38
N THR A 72 -18.42 22.25 16.94
CA THR A 72 -17.95 22.46 15.57
C THR A 72 -16.52 23.04 15.37
N ASN A 73 -15.91 23.60 16.40
CA ASN A 73 -14.67 24.37 16.26
C ASN A 73 -13.56 23.91 17.23
N PHE A 74 -13.38 22.58 17.33
CA PHE A 74 -12.34 22.05 18.22
C PHE A 74 -10.98 22.09 17.53
N THR A 75 -9.93 22.41 18.29
CA THR A 75 -8.57 22.17 17.82
C THR A 75 -7.77 21.49 18.92
N ILE A 76 -6.70 20.83 18.52
CA ILE A 76 -5.69 20.34 19.45
C ILE A 76 -4.40 21.08 19.16
N ARG A 77 -3.70 21.48 20.22
CA ARG A 77 -2.50 22.32 20.12
C ARG A 77 -1.35 21.82 20.98
N SER A 78 -0.14 21.96 20.45
CA SER A 78 1.07 21.74 21.24
C SER A 78 2.24 22.52 20.69
N ASN A 79 3.02 23.12 21.58
CA ASN A 79 4.21 23.92 21.23
C ASN A 79 3.87 25.09 20.21
N GLY A 80 2.66 25.65 20.42
CA GLY A 80 2.12 26.70 19.55
C GLY A 80 1.62 26.30 18.16
N VAL A 81 1.54 25.00 17.87
CA VAL A 81 1.03 24.51 16.59
C VAL A 81 -0.35 23.90 16.82
N SER A 82 -1.33 24.31 16.02
CA SER A 82 -2.69 23.76 16.12
C SER A 82 -3.02 22.82 14.97
N SER A 83 -3.89 21.86 15.29
CA SER A 83 -4.50 21.04 14.28
C SER A 83 -5.43 21.88 13.49
N TYR A 84 -5.95 21.27 12.42
CA TYR A 84 -7.11 21.79 11.76
C TYR A 84 -8.24 21.74 12.76
N THR A 85 -9.20 22.59 12.49
CA THR A 85 -10.44 22.66 13.22
C THR A 85 -11.29 21.44 12.84
N PHE A 86 -11.90 20.79 13.84
CA PHE A 86 -12.72 19.60 13.64
C PHE A 86 -13.92 19.59 14.56
N PRO A 87 -14.99 18.84 14.19
CA PRO A 87 -16.20 18.73 15.03
C PRO A 87 -16.27 17.51 15.96
N ILE A 88 -17.15 17.61 16.95
CA ILE A 88 -17.58 16.46 17.76
C ILE A 88 -19.09 16.50 17.87
N GLN A 89 -19.74 15.38 17.54
CA GLN A 89 -21.21 15.31 17.58
C GLN A 89 -21.66 14.06 18.25
N THR A 90 -22.92 14.06 18.67
CA THR A 90 -23.54 12.87 19.24
C THR A 90 -23.32 11.66 18.31
N ASN A 91 -23.65 11.81 17.04
CA ASN A 91 -23.44 10.76 16.02
C ASN A 91 -22.72 11.40 14.83
N MET A 92 -21.39 11.35 14.85
CA MET A 92 -20.57 12.02 13.83
C MET A 92 -20.69 11.37 12.45
N TRP A 93 -20.69 10.04 12.42
CA TRP A 93 -20.50 9.28 11.16
C TRP A 93 -21.81 9.27 10.37
N ASN A 94 -22.93 9.49 11.06
CA ASN A 94 -24.22 9.81 10.45
C ASN A 94 -24.14 11.00 9.49
N GLU A 95 -23.26 11.96 9.74
CA GLU A 95 -23.06 13.12 8.86
C GLU A 95 -22.44 12.79 7.51
N TYR A 96 -21.88 11.59 7.33
CA TYR A 96 -21.19 11.21 6.08
C TYR A 96 -21.85 10.08 5.28
N LYS A 97 -22.93 9.51 5.80
CA LYS A 97 -23.68 8.46 5.09
C LYS A 97 -24.19 8.90 3.70
N ASP A 98 -24.57 10.17 3.57
CA ASP A 98 -25.00 10.76 2.32
C ASP A 98 -23.87 10.89 1.30
N GLU A 99 -22.66 11.22 1.74
CA GLU A 99 -21.52 11.24 0.80
C GLU A 99 -21.14 9.84 0.30
N MET A 100 -21.36 8.85 1.16
CA MET A 100 -21.09 7.46 0.80
C MET A 100 -21.98 6.99 -0.35
N THR A 101 -23.26 7.34 -0.32
CA THR A 101 -24.15 6.98 -1.42
C THR A 101 -23.97 7.95 -2.59
N ALA A 102 -23.63 9.21 -2.31
CA ALA A 102 -23.30 10.17 -3.37
C ALA A 102 -22.14 9.67 -4.28
N PHE A 103 -21.13 9.09 -3.65
CA PHE A 103 -20.00 8.52 -4.35
C PHE A 103 -20.45 7.57 -5.47
N TYR A 104 -21.31 6.62 -5.13
CA TYR A 104 -21.81 5.67 -6.11
C TYR A 104 -22.76 6.31 -7.11
N ARG A 105 -23.62 7.22 -6.64
CA ARG A 105 -24.54 7.92 -7.54
C ARG A 105 -23.80 8.64 -8.67
N LEU A 106 -22.66 9.23 -8.30
CA LEU A 106 -21.85 10.02 -9.21
C LEU A 106 -20.97 9.17 -10.15
N LEU A 107 -20.81 7.89 -9.84
CA LEU A 107 -20.10 6.95 -10.70
C LEU A 107 -21.01 6.15 -11.60
N ARG A 108 -22.33 6.31 -11.47
CA ARG A 108 -23.25 5.64 -12.40
C ARG A 108 -22.96 6.08 -13.84
N THR A 109 -23.09 5.17 -14.80
CA THR A 109 -22.93 5.52 -16.23
C THR A 109 -24.09 6.40 -16.72
N THR A 110 -25.22 6.31 -16.04
CA THR A 110 -26.44 7.08 -16.36
C THR A 110 -26.30 8.58 -16.02
N ASP A 111 -27.36 9.34 -16.30
CA ASP A 111 -27.43 10.78 -16.07
C ASP A 111 -27.21 11.07 -14.60
N THR A 112 -26.11 11.72 -14.30
CA THR A 112 -25.72 11.99 -12.92
C THR A 112 -26.21 13.42 -12.39
N PHE A 113 -26.65 14.29 -13.30
CA PHE A 113 -27.48 15.46 -12.90
C PHE A 113 -28.79 14.94 -12.25
N ALA A 114 -29.32 13.83 -12.76
CA ALA A 114 -30.51 13.18 -12.20
C ALA A 114 -30.20 12.32 -10.98
N ALA A 115 -29.15 11.50 -11.06
CA ALA A 115 -28.76 10.63 -9.94
C ALA A 115 -28.32 11.40 -8.70
N TYR A 116 -27.71 12.57 -8.91
CA TYR A 116 -27.26 13.45 -7.83
C TYR A 116 -28.08 14.73 -7.93
N PRO A 117 -29.29 14.75 -7.33
CA PRO A 117 -30.04 16.02 -7.32
C PRO A 117 -29.37 17.05 -6.41
N ALA A 118 -29.62 18.32 -6.70
CA ALA A 118 -29.05 19.42 -5.94
C ALA A 118 -29.32 19.21 -4.44
N GLY A 119 -28.27 19.31 -3.63
CA GLY A 119 -28.40 19.18 -2.18
C GLY A 119 -28.53 17.75 -1.65
N TYR A 120 -28.35 16.73 -2.52
CA TYR A 120 -28.43 15.30 -2.10
C TYR A 120 -27.52 15.05 -0.89
N SER A 121 -26.28 15.51 -0.99
CA SER A 121 -25.33 15.52 0.15
C SER A 121 -24.89 16.95 0.42
N ASN A 122 -24.54 17.24 1.66
CA ASN A 122 -24.17 18.62 1.98
C ASN A 122 -22.74 18.92 1.52
N ILE A 123 -21.91 17.90 1.32
CA ILE A 123 -20.64 18.08 0.59
CA ILE A 123 -20.65 18.09 0.61
C ILE A 123 -20.96 17.89 -0.88
N ALA A 124 -20.82 18.97 -1.66
CA ALA A 124 -21.21 18.97 -3.09
C ALA A 124 -20.09 18.49 -4.02
N PRO A 125 -20.44 17.76 -5.09
CA PRO A 125 -19.45 17.43 -6.11
C PRO A 125 -19.03 18.68 -6.88
N SER A 126 -17.86 18.69 -7.52
CA SER A 126 -17.56 19.72 -8.51
C SER A 126 -18.60 19.58 -9.60
N ASN A 127 -19.10 20.70 -10.11
CA ASN A 127 -20.11 20.63 -11.15
C ASN A 127 -19.56 19.99 -12.44
N LYS A 128 -18.27 20.19 -12.71
CA LYS A 128 -17.62 19.65 -13.91
C LYS A 128 -17.68 18.11 -14.10
N ILE A 129 -17.89 17.33 -13.03
CA ILE A 129 -17.99 15.85 -13.17
C ILE A 129 -19.37 15.33 -13.63
N LEU A 130 -20.38 16.21 -13.62
CA LEU A 130 -21.75 15.80 -13.94
C LEU A 130 -21.94 15.60 -15.46
N HIS A 131 -22.75 14.61 -15.82
CA HIS A 131 -22.93 14.24 -17.24
C HIS A 131 -24.27 13.58 -17.45
N PRO A 132 -24.75 13.58 -18.73
CA PRO A 132 -25.97 12.86 -19.09
C PRO A 132 -25.69 11.36 -19.28
N ASP A 133 -26.73 10.60 -19.60
CA ASP A 133 -26.56 9.18 -19.89
C ASP A 133 -25.32 8.94 -20.79
N SER A 134 -24.51 7.94 -20.46
CA SER A 134 -23.34 7.64 -21.24
C SER A 134 -23.25 6.14 -21.50
N PHE A 135 -22.43 5.80 -22.48
CA PHE A 135 -22.21 4.41 -22.87
C PHE A 135 -23.54 3.65 -23.05
N LEU A 136 -24.46 4.31 -23.73
CA LEU A 136 -25.77 3.72 -24.04
C LEU A 136 -25.66 2.66 -25.14
N ASP A 137 -24.49 2.56 -25.74
CA ASP A 137 -24.18 1.56 -26.76
C ASP A 137 -23.31 0.40 -26.24
N ASP A 138 -23.14 0.29 -24.90
CA ASP A 138 -22.50 -0.94 -24.33
C ASP A 138 -23.52 -2.05 -24.55
N ALA A 139 -23.16 -3.19 -25.17
CA ALA A 139 -21.86 -3.47 -25.77
C ALA A 139 -22.02 -4.61 -26.78
N PHE A 140 -21.12 -4.64 -27.76
CA PHE A 140 -21.03 -5.74 -28.70
C PHE A 140 -20.46 -7.00 -28.07
N SER A 141 -20.80 -8.15 -28.67
CA SER A 141 -20.02 -9.37 -28.48
C SER A 141 -18.57 -9.09 -28.92
N PRO A 142 -17.61 -9.93 -28.49
CA PRO A 142 -16.20 -9.70 -28.81
C PRO A 142 -15.90 -9.53 -30.28
N ASP A 143 -16.55 -10.30 -31.14
CA ASP A 143 -16.33 -10.16 -32.57
C ASP A 143 -17.27 -9.15 -33.24
N ARG A 144 -18.07 -8.42 -32.45
CA ARG A 144 -18.96 -7.37 -32.95
C ARG A 144 -20.03 -7.87 -33.93
N THR A 145 -20.46 -9.13 -33.78
CA THR A 145 -21.52 -9.68 -34.62
C THR A 145 -22.90 -9.58 -34.02
N THR A 146 -22.97 -9.59 -32.71
CA THR A 146 -24.22 -9.52 -31.98
C THR A 146 -24.06 -8.41 -30.97
N HIS A 147 -25.07 -7.54 -30.89
CA HIS A 147 -25.11 -6.46 -29.91
C HIS A 147 -25.99 -6.82 -28.70
N TYR A 148 -25.49 -6.52 -27.50
CA TYR A 148 -26.22 -6.73 -26.25
C TYR A 148 -26.55 -5.38 -25.62
N ASP A 149 -27.65 -5.34 -24.88
CA ASP A 149 -27.95 -4.21 -24.02
C ASP A 149 -27.27 -4.46 -22.66
N LEU A 150 -26.12 -3.85 -22.46
CA LEU A 150 -25.37 -3.95 -21.19
C LEU A 150 -25.04 -2.56 -20.65
N THR A 151 -26.01 -1.64 -20.77
CA THR A 151 -25.88 -0.28 -20.21
C THR A 151 -26.20 -0.27 -18.71
N GLY A 152 -25.59 0.70 -18.03
CA GLY A 152 -25.74 0.93 -16.60
C GLY A 152 -24.54 0.43 -15.81
N GLY A 153 -24.76 0.24 -14.52
CA GLY A 153 -23.74 -0.09 -13.58
C GLY A 153 -22.91 1.13 -13.29
N TRP A 154 -21.88 0.91 -12.50
CA TRP A 154 -20.92 1.96 -12.13
C TRP A 154 -19.65 1.79 -12.88
N PHE A 155 -19.06 2.94 -13.20
CA PHE A 155 -17.71 2.97 -13.65
C PHE A 155 -16.85 2.45 -12.49
N ASP A 156 -15.87 1.64 -12.82
CA ASP A 156 -15.06 1.00 -11.81
C ASP A 156 -14.27 1.98 -10.95
N ALA A 157 -13.68 2.99 -11.59
CA ALA A 157 -12.72 3.84 -10.89
C ALA A 157 -12.60 5.16 -11.63
N GLY A 158 -11.39 5.69 -11.81
CA GLY A 158 -11.19 6.83 -12.69
C GLY A 158 -11.27 6.52 -14.17
N ASP A 159 -11.26 5.24 -14.54
CA ASP A 159 -11.53 4.80 -15.93
C ASP A 159 -12.99 4.38 -16.04
N TYR A 160 -13.47 4.24 -17.27
CA TYR A 160 -14.88 3.90 -17.49
C TYR A 160 -15.14 2.42 -17.70
N GLY A 161 -14.18 1.56 -17.33
CA GLY A 161 -14.39 0.14 -17.44
C GLY A 161 -15.37 -0.39 -16.42
N LYS A 162 -16.00 -1.52 -16.75
CA LYS A 162 -16.93 -2.23 -15.86
C LYS A 162 -16.50 -3.68 -15.84
N TYR A 163 -16.05 -4.15 -14.68
CA TYR A 163 -15.31 -5.42 -14.56
C TYR A 163 -16.09 -6.46 -13.81
N GLY A 164 -16.18 -7.67 -14.37
CA GLY A 164 -16.95 -8.76 -13.77
C GLY A 164 -16.62 -9.06 -12.32
N GLY A 165 -15.34 -9.11 -12.04
CA GLY A 165 -14.84 -9.43 -10.69
C GLY A 165 -15.12 -8.38 -9.66
N ASN A 166 -15.52 -7.18 -10.10
CA ASN A 166 -15.96 -6.14 -9.17
C ASN A 166 -17.46 -5.99 -8.99
N GLN A 167 -18.23 -6.94 -9.50
CA GLN A 167 -19.68 -6.91 -9.33
C GLN A 167 -20.17 -7.61 -8.05
N TRP A 168 -19.27 -7.83 -7.10
CA TRP A 168 -19.62 -8.07 -5.69
C TRP A 168 -20.03 -6.79 -4.92
N VAL A 169 -19.72 -5.62 -5.48
CA VAL A 169 -19.89 -4.36 -4.74
C VAL A 169 -21.36 -4.09 -4.44
N GLN A 170 -22.23 -4.50 -5.38
CA GLN A 170 -23.69 -4.40 -5.19
C GLN A 170 -24.09 -5.09 -3.90
N GLY A 171 -23.58 -6.29 -3.72
CA GLY A 171 -23.72 -7.04 -2.50
C GLY A 171 -23.21 -6.35 -1.26
N ASN A 172 -22.04 -5.69 -1.35
CA ASN A 172 -21.47 -4.98 -0.18
C ASN A 172 -22.43 -3.90 0.30
N ILE A 173 -22.99 -3.19 -0.68
CA ILE A 173 -23.96 -2.15 -0.40
C ILE A 173 -25.23 -2.75 0.22
N ALA A 174 -25.73 -3.83 -0.38
CA ALA A 174 -26.93 -4.47 0.13
C ALA A 174 -26.71 -4.96 1.56
N ILE A 175 -25.54 -5.56 1.81
CA ILE A 175 -25.17 -6.09 3.12
C ILE A 175 -25.00 -4.94 4.15
N SER A 176 -24.49 -3.78 3.71
CA SER A 176 -24.37 -2.59 4.60
C SER A 176 -25.75 -2.19 5.14
N TYR A 177 -26.74 -2.24 4.26
CA TYR A 177 -28.13 -2.02 4.65
C TYR A 177 -28.64 -3.13 5.57
N LEU A 178 -28.48 -4.38 5.15
CA LEU A 178 -29.10 -5.51 5.83
C LEU A 178 -28.60 -5.73 7.26
N ARG A 179 -27.32 -5.45 7.48
CA ARG A 179 -26.72 -5.67 8.80
C ARG A 179 -27.12 -4.60 9.83
N HIS A 180 -27.78 -3.55 9.36
CA HIS A 180 -28.28 -2.47 10.20
C HIS A 180 -29.71 -2.00 9.86
N ALA A 181 -30.51 -2.88 9.23
CA ALA A 181 -31.77 -2.48 8.59
C ALA A 181 -32.82 -1.88 9.54
N SER A 182 -32.80 -2.27 10.81
CA SER A 182 -33.72 -1.73 11.81
C SER A 182 -33.33 -0.30 12.24
N SER A 183 -32.11 0.15 11.94
CA SER A 183 -31.71 1.52 12.28
C SER A 183 -32.34 2.54 11.33
N ALA A 184 -32.99 3.57 11.88
CA ALA A 184 -33.51 4.67 11.06
C ALA A 184 -32.41 5.42 10.29
N ALA A 185 -31.21 5.46 10.89
CA ALA A 185 -30.05 6.11 10.30
C ALA A 185 -29.74 5.60 8.91
N VAL A 186 -29.74 4.28 8.74
CA VAL A 186 -29.38 3.65 7.47
C VAL A 186 -30.56 3.52 6.50
N ASN A 187 -31.76 3.93 6.90
CA ASN A 187 -32.90 3.99 5.96
C ASN A 187 -33.13 5.36 5.35
N PHE A 188 -32.14 6.24 5.43
CA PHE A 188 -32.28 7.55 4.81
C PHE A 188 -32.70 7.45 3.33
N ASP A 189 -33.55 8.39 2.93
CA ASP A 189 -34.14 8.45 1.60
C ASP A 189 -34.00 9.92 1.15
N LYS A 190 -32.77 10.32 0.83
CA LYS A 190 -32.44 11.72 0.55
C LYS A 190 -32.78 12.18 -0.85
N ASP A 191 -33.14 11.26 -1.74
CA ASP A 191 -33.78 11.62 -3.01
C ASP A 191 -35.32 11.53 -2.95
N THR A 192 -35.85 11.34 -1.75
CA THR A 192 -37.30 11.29 -1.50
C THR A 192 -38.09 10.65 -2.67
N ASN A 193 -37.67 9.44 -3.05
CA ASN A 193 -38.54 8.50 -3.78
C ASN A 193 -39.04 7.59 -2.64
N GLY A 194 -39.60 6.43 -2.94
CA GLY A 194 -40.20 5.69 -1.78
C GLY A 194 -39.25 4.88 -0.92
N ILE A 195 -37.93 4.99 -1.19
CA ILE A 195 -37.01 3.86 -1.07
C ILE A 195 -35.64 4.22 -0.40
N PRO A 196 -35.26 3.46 0.66
CA PRO A 196 -33.96 3.72 1.31
C PRO A 196 -32.84 3.78 0.27
N ASP A 197 -32.04 4.86 0.30
CA ASP A 197 -30.96 5.09 -0.69
C ASP A 197 -29.97 3.94 -0.87
N LEU A 198 -29.63 3.25 0.22
CA LEU A 198 -28.82 2.02 0.14
C LEU A 198 -29.50 0.96 -0.76
N VAL A 199 -30.82 0.82 -0.63
CA VAL A 199 -31.58 -0.10 -1.48
C VAL A 199 -31.61 0.43 -2.91
N ASP A 200 -31.83 1.73 -3.13
CA ASP A 200 -31.77 2.32 -4.46
C ASP A 200 -30.45 1.96 -5.12
N GLU A 201 -29.35 2.12 -4.36
CA GLU A 201 -28.06 1.92 -4.96
C GLU A 201 -27.80 0.45 -5.32
N ALA A 202 -28.10 -0.47 -4.40
CA ALA A 202 -28.00 -1.92 -4.66
C ALA A 202 -28.87 -2.34 -5.87
N ILE A 203 -30.06 -1.75 -5.96
CA ILE A 203 -30.97 -2.00 -7.10
C ILE A 203 -30.35 -1.58 -8.40
N PHE A 204 -29.81 -0.36 -8.43
CA PHE A 204 -29.17 0.16 -9.65
C PHE A 204 -28.06 -0.75 -10.15
N GLY A 205 -27.13 -1.11 -9.26
CA GLY A 205 -26.05 -2.00 -9.66
C GLY A 205 -26.57 -3.37 -10.07
N SER A 206 -27.60 -3.86 -9.37
CA SER A 206 -28.15 -5.17 -9.65
C SER A 206 -28.86 -5.23 -11.04
N GLN A 207 -29.43 -4.12 -11.47
CA GLN A 207 -30.07 -4.05 -12.79
C GLN A 207 -29.07 -4.38 -13.90
N TYR A 208 -27.82 -3.90 -13.74
CA TYR A 208 -26.77 -4.20 -14.70
C TYR A 208 -26.50 -5.70 -14.78
N LEU A 209 -26.46 -6.35 -13.63
CA LEU A 209 -26.25 -7.79 -13.54
C LEU A 209 -27.37 -8.62 -14.17
N VAL A 210 -28.61 -8.15 -13.99
CA VAL A 210 -29.77 -8.82 -14.61
C VAL A 210 -29.65 -8.89 -16.14
N LYS A 211 -29.19 -7.78 -16.74
CA LYS A 211 -28.90 -7.72 -18.18
C LYS A 211 -27.91 -8.79 -18.64
N PHE A 212 -26.83 -9.00 -17.87
CA PHE A 212 -25.94 -10.13 -18.16
C PHE A 212 -26.64 -11.47 -18.02
N ALA A 213 -27.35 -11.68 -16.90
CA ALA A 213 -28.02 -12.96 -16.62
C ALA A 213 -28.97 -13.37 -17.75
N ASN A 214 -29.73 -12.42 -18.27
CA ASN A 214 -30.74 -12.63 -19.31
C ASN A 214 -30.18 -12.81 -20.72
N GLN A 215 -28.99 -12.27 -20.97
CA GLN A 215 -28.40 -12.30 -22.31
C GLN A 215 -27.25 -13.30 -22.51
N LEU A 216 -26.49 -13.61 -21.44
CA LEU A 216 -25.29 -14.47 -21.57
CA LEU A 216 -25.29 -14.46 -21.58
C LEU A 216 -25.36 -15.75 -20.74
N GLY A 217 -26.55 -16.10 -20.25
CA GLY A 217 -26.79 -17.39 -19.60
C GLY A 217 -26.05 -17.65 -18.29
N GLY A 218 -25.54 -16.61 -17.65
CA GLY A 218 -24.75 -16.75 -16.43
C GLY A 218 -23.30 -16.29 -16.59
N ALA A 219 -22.82 -16.14 -17.82
CA ALA A 219 -21.50 -15.59 -18.04
C ALA A 219 -21.48 -14.10 -17.85
N ILE A 220 -20.34 -13.57 -17.41
CA ILE A 220 -20.11 -12.15 -17.36
C ILE A 220 -18.72 -11.88 -17.89
N HIS A 221 -18.56 -10.75 -18.57
CA HIS A 221 -17.29 -10.36 -19.17
C HIS A 221 -17.01 -8.90 -18.78
N ASN A 222 -15.73 -8.54 -18.70
CA ASN A 222 -15.30 -7.15 -18.55
C ASN A 222 -15.71 -6.35 -19.80
N ILE A 223 -16.08 -5.11 -19.59
CA ILE A 223 -16.15 -4.12 -20.65
C ILE A 223 -15.02 -3.15 -20.31
N LEU A 224 -14.01 -3.13 -21.16
CA LEU A 224 -12.77 -2.46 -20.83
C LEU A 224 -12.88 -0.94 -21.01
N ARG A 225 -11.96 -0.21 -20.40
CA ARG A 225 -11.93 1.25 -20.46
C ARG A 225 -11.87 1.77 -21.90
N LYS A 226 -12.37 2.98 -22.07
CA LYS A 226 -12.26 3.69 -23.33
C LYS A 226 -12.34 5.15 -23.01
N GLY A 227 -11.65 5.95 -23.79
CA GLY A 227 -11.67 7.39 -23.67
C GLY A 227 -10.49 8.00 -22.94
N GLY A 228 -10.21 9.25 -23.32
CA GLY A 228 -9.25 10.08 -22.62
C GLY A 228 -9.91 10.74 -21.44
N PHE A 229 -9.36 11.88 -21.04
CA PHE A 229 -9.84 12.61 -19.88
C PHE A 229 -10.95 13.54 -20.36
N VAL A 230 -12.04 12.89 -20.79
CA VAL A 230 -13.28 13.54 -21.20
C VAL A 230 -14.44 12.82 -20.49
N LEU A 231 -15.51 13.57 -20.26
CA LEU A 231 -16.72 13.04 -19.66
C LEU A 231 -17.26 11.90 -20.53
N PRO A 232 -17.92 10.93 -19.88
CA PRO A 232 -18.15 9.64 -20.53
C PRO A 232 -19.09 9.67 -21.71
N HIS A 233 -20.03 10.61 -21.72
CA HIS A 233 -20.94 10.80 -22.84
C HIS A 233 -20.25 11.34 -24.08
N LYS A 234 -19.00 11.80 -23.97
CA LYS A 234 -18.23 12.20 -25.15
C LYS A 234 -17.39 11.07 -25.75
N VAL A 235 -17.37 9.91 -25.11
CA VAL A 235 -16.50 8.82 -25.55
C VAL A 235 -17.09 8.04 -26.72
N THR A 236 -18.41 7.90 -26.76
CA THR A 236 -19.11 7.24 -27.87
C THR A 236 -20.28 8.12 -28.23
N ASP A 237 -20.90 7.82 -29.35
CA ASP A 237 -22.06 8.57 -29.81
C ASP A 237 -23.37 8.09 -29.17
N ASN A 238 -23.31 7.11 -28.28
CA ASN A 238 -24.49 6.56 -27.61
C ASN A 238 -25.48 5.80 -28.49
N VAL A 239 -25.16 5.62 -29.78
CA VAL A 239 -26.01 4.92 -30.72
C VAL A 239 -25.51 3.45 -30.80
N PRO A 240 -26.35 2.49 -30.40
CA PRO A 240 -25.90 1.10 -30.47
C PRO A 240 -25.72 0.61 -31.90
N GLY A 241 -24.73 -0.24 -32.12
CA GLY A 241 -24.56 -0.94 -33.39
C GLY A 241 -23.54 -0.42 -34.40
N ASN A 242 -22.78 0.61 -34.06
CA ASN A 242 -21.84 1.15 -35.03
C ASN A 242 -20.39 1.07 -34.52
N THR A 243 -19.48 1.78 -35.18
CA THR A 243 -18.06 1.50 -35.06
C THR A 243 -17.44 1.90 -33.73
N ASP A 244 -18.00 2.88 -33.03
CA ASP A 244 -17.39 3.30 -31.77
C ASP A 244 -17.83 2.52 -30.52
N ASP A 245 -18.87 1.67 -30.63
CA ASP A 245 -19.35 0.90 -29.48
C ASP A 245 -18.20 0.12 -28.79
N ARG A 246 -18.29 0.01 -27.50
CA ARG A 246 -17.46 -0.94 -26.77
C ARG A 246 -17.93 -2.37 -27.03
N ALA A 247 -17.02 -3.29 -26.82
CA ALA A 247 -17.27 -4.71 -27.00
C ALA A 247 -16.87 -5.40 -25.72
N LEU A 248 -17.52 -6.51 -25.45
CA LEU A 248 -17.09 -7.36 -24.37
C LEU A 248 -15.67 -7.86 -24.63
N GLU A 249 -14.89 -7.94 -23.57
CA GLU A 249 -13.65 -8.69 -23.59
C GLU A 249 -13.93 -10.17 -23.87
N ALA A 250 -13.11 -10.82 -24.68
CA ALA A 250 -13.43 -12.18 -25.07
C ALA A 250 -13.51 -13.16 -23.85
N VAL A 251 -12.53 -13.11 -22.95
CA VAL A 251 -12.54 -14.03 -21.82
C VAL A 251 -13.66 -13.66 -20.85
N GLU A 252 -14.25 -14.70 -20.25
CA GLU A 252 -15.28 -14.52 -19.23
C GLU A 252 -14.65 -14.33 -17.83
N ALA A 253 -15.49 -14.14 -16.83
CA ALA A 253 -15.08 -14.06 -15.43
C ALA A 253 -16.00 -14.89 -14.56
N VAL A 254 -15.69 -16.17 -14.44
CA VAL A 254 -16.57 -17.08 -13.71
C VAL A 254 -16.62 -16.68 -12.22
N GLY A 255 -15.52 -16.14 -11.70
CA GLY A 255 -15.50 -15.52 -10.36
C GLY A 255 -16.52 -14.39 -10.26
N GLY A 256 -16.58 -13.57 -11.31
CA GLY A 256 -17.62 -12.54 -11.43
C GLY A 256 -19.05 -13.09 -11.48
N SER A 257 -19.23 -14.24 -12.12
CA SER A 257 -20.54 -14.91 -12.12
C SER A 257 -20.98 -15.25 -10.69
N GLY A 258 -20.06 -15.82 -9.89
CA GLY A 258 -20.37 -16.20 -8.51
C GLY A 258 -20.64 -14.96 -7.66
N LYS A 259 -19.84 -13.94 -7.87
CA LYS A 259 -20.00 -12.68 -7.19
C LYS A 259 -21.34 -12.03 -7.53
N SER A 260 -21.72 -12.04 -8.81
CA SER A 260 -22.99 -11.48 -9.27
C SER A 260 -24.18 -12.17 -8.60
N SER A 261 -24.10 -13.49 -8.46
CA SER A 261 -25.14 -14.27 -7.82
C SER A 261 -25.38 -13.73 -6.41
N GLY A 262 -24.32 -13.67 -5.63
CA GLY A 262 -24.45 -13.20 -4.26
C GLY A 262 -24.96 -11.79 -4.15
N SER A 263 -24.49 -10.92 -5.05
CA SER A 263 -24.93 -9.54 -5.09
C SER A 263 -26.45 -9.44 -5.30
N LEU A 264 -26.94 -10.20 -6.27
CA LEU A 264 -28.35 -10.20 -6.60
C LEU A 264 -29.20 -10.76 -5.47
N ALA A 265 -28.76 -11.88 -4.90
CA ALA A 265 -29.48 -12.47 -3.78
C ALA A 265 -29.55 -11.50 -2.59
N ALA A 266 -28.41 -10.87 -2.28
CA ALA A 266 -28.36 -9.87 -1.21
C ALA A 266 -29.27 -8.66 -1.48
N THR A 267 -29.33 -8.19 -2.71
CA THR A 267 -30.20 -7.06 -3.05
C THR A 267 -31.68 -7.45 -2.90
N ALA A 268 -32.01 -8.66 -3.34
CA ALA A 268 -33.34 -9.20 -3.08
C ALA A 268 -33.70 -9.24 -1.58
N ARG A 269 -32.79 -9.71 -0.72
CA ARG A 269 -33.06 -9.69 0.74
C ARG A 269 -33.22 -8.25 1.22
N ALA A 270 -32.35 -7.36 0.75
CA ALA A 270 -32.43 -5.96 1.15
C ALA A 270 -33.80 -5.34 0.83
N ILE A 271 -34.28 -5.58 -0.38
CA ILE A 271 -35.61 -5.12 -0.78
C ILE A 271 -36.70 -5.68 0.12
N ARG A 272 -36.69 -7.00 0.31
CA ARG A 272 -37.73 -7.67 1.12
C ARG A 272 -37.67 -7.24 2.59
N THR A 273 -36.47 -7.15 3.15
CA THR A 273 -36.29 -6.67 4.50
C THR A 273 -36.82 -5.24 4.70
N ALA A 274 -36.54 -4.38 3.73
CA ALA A 274 -37.01 -3.00 3.74
C ALA A 274 -38.55 -2.91 3.70
N ILE A 275 -39.18 -3.77 2.92
CA ILE A 275 -40.65 -3.82 2.87
C ILE A 275 -41.23 -4.33 4.18
N ALA A 276 -40.70 -5.44 4.71
CA ALA A 276 -41.21 -6.00 5.97
C ALA A 276 -40.97 -5.05 7.17
N GLY A 277 -39.95 -4.19 7.06
CA GLY A 277 -39.69 -3.14 8.04
C GLY A 277 -40.57 -1.90 7.96
N GLY A 278 -41.40 -1.77 6.93
CA GLY A 278 -42.26 -0.57 6.77
C GLY A 278 -41.49 0.63 6.22
N LYS A 279 -40.37 0.36 5.53
CA LYS A 279 -39.43 1.41 5.12
C LYS A 279 -39.60 1.82 3.66
N VAL A 280 -40.48 1.16 2.91
CA VAL A 280 -40.75 1.59 1.53
C VAL A 280 -42.19 2.05 1.39
N ALA A 281 -42.35 3.21 0.74
CA ALA A 281 -43.66 3.83 0.57
C ALA A 281 -44.52 2.89 -0.24
N ALA A 282 -45.79 2.80 0.16
CA ALA A 282 -46.77 1.83 -0.36
C ALA A 282 -46.85 1.79 -1.88
N ASN A 283 -46.64 2.91 -2.55
CA ASN A 283 -46.73 2.95 -4.01
C ASN A 283 -45.50 2.39 -4.76
N LYS A 284 -44.44 2.08 -4.01
CA LYS A 284 -43.27 1.40 -4.56
C LYS A 284 -43.18 -0.06 -4.16
N VAL A 285 -44.07 -0.53 -3.29
CA VAL A 285 -43.95 -1.89 -2.73
C VAL A 285 -44.09 -2.95 -3.82
N ALA A 286 -45.12 -2.81 -4.67
CA ALA A 286 -45.42 -3.81 -5.71
C ALA A 286 -44.26 -3.99 -6.70
N GLN A 287 -43.75 -2.88 -7.21
CA GLN A 287 -42.67 -2.93 -8.20
C GLN A 287 -41.31 -3.44 -7.61
N LEU A 288 -41.05 -3.15 -6.33
CA LEU A 288 -39.87 -3.70 -5.65
C LEU A 288 -40.00 -5.20 -5.37
N GLN A 289 -41.22 -5.66 -5.14
CA GLN A 289 -41.43 -7.08 -4.96
C GLN A 289 -41.13 -7.82 -6.26
N THR A 290 -41.60 -7.25 -7.38
CA THR A 290 -41.27 -7.76 -8.71
C THR A 290 -39.74 -7.82 -8.89
N LEU A 291 -39.07 -6.70 -8.62
CA LEU A 291 -37.62 -6.63 -8.73
C LEU A 291 -36.92 -7.71 -7.93
N ALA A 292 -37.37 -7.93 -6.70
CA ALA A 292 -36.74 -8.91 -5.83
C ALA A 292 -36.86 -10.30 -6.41
N ASN A 293 -38.07 -10.62 -6.89
CA ASN A 293 -38.31 -11.90 -7.57
C ASN A 293 -37.38 -12.05 -8.77
N GLU A 294 -37.23 -10.99 -9.55
CA GLU A 294 -36.37 -11.02 -10.75
C GLU A 294 -34.89 -11.15 -10.33
N PHE A 295 -34.49 -10.43 -9.29
CA PHE A 295 -33.12 -10.57 -8.78
C PHE A 295 -32.83 -11.98 -8.25
N GLN A 296 -33.78 -12.62 -7.58
CA GLN A 296 -33.59 -14.00 -7.11
C GLN A 296 -33.37 -14.97 -8.31
N ALA A 297 -34.26 -14.89 -9.29
CA ALA A 297 -34.14 -15.72 -10.50
C ALA A 297 -32.76 -15.53 -11.16
N ALA A 298 -32.36 -14.30 -11.38
CA ALA A 298 -31.06 -14.00 -11.98
C ALA A 298 -29.90 -14.48 -11.09
N ALA A 299 -30.03 -14.38 -9.77
CA ALA A 299 -28.98 -14.87 -8.86
C ALA A 299 -28.81 -16.38 -9.02
N ILE A 300 -29.93 -17.07 -9.19
CA ILE A 300 -29.92 -18.52 -9.37
C ILE A 300 -29.31 -18.89 -10.73
N ILE A 301 -29.57 -18.08 -11.76
CA ILE A 301 -28.92 -18.26 -13.09
C ILE A 301 -27.39 -18.23 -12.90
N PHE A 302 -26.93 -17.17 -12.25
CA PHE A 302 -25.50 -16.95 -12.06
C PHE A 302 -24.89 -18.05 -11.22
N TYR A 303 -25.57 -18.46 -10.15
CA TYR A 303 -25.06 -19.50 -9.28
C TYR A 303 -24.89 -20.83 -10.04
N ASN A 304 -25.96 -21.26 -10.69
CA ASN A 304 -25.96 -22.55 -11.42
C ASN A 304 -24.88 -22.58 -12.54
N TYR A 305 -24.74 -21.47 -13.24
CA TYR A 305 -23.62 -21.27 -14.16
C TYR A 305 -22.25 -21.44 -13.47
N THR A 306 -22.03 -20.74 -12.37
CA THR A 306 -20.74 -20.79 -11.69
C THR A 306 -20.42 -22.23 -11.29
N LEU A 307 -21.40 -22.91 -10.69
CA LEU A 307 -21.26 -24.33 -10.30
C LEU A 307 -20.84 -25.27 -11.41
N THR A 308 -21.30 -24.99 -12.63
CA THR A 308 -21.09 -25.91 -13.75
C THR A 308 -20.02 -25.43 -14.73
N HIS A 309 -19.39 -24.29 -14.44
CA HIS A 309 -18.29 -23.75 -15.27
C HIS A 309 -17.03 -23.50 -14.42
N GLN A 310 -16.77 -24.38 -13.46
CA GLN A 310 -15.72 -24.12 -12.50
C GLN A 310 -14.27 -24.08 -13.04
N SER A 311 -14.02 -24.71 -14.18
CA SER A 311 -12.72 -24.65 -14.86
C SER A 311 -12.67 -23.54 -15.86
N GLY A 312 -13.74 -22.75 -16.02
CA GLY A 312 -13.71 -21.65 -16.96
C GLY A 312 -12.77 -20.57 -16.47
N ASN A 313 -12.53 -19.57 -17.30
CA ASN A 313 -11.64 -18.48 -16.92
C ASN A 313 -12.20 -17.68 -15.73
N HIS A 314 -11.45 -17.59 -14.64
CA HIS A 314 -12.00 -17.02 -13.40
C HIS A 314 -12.11 -15.50 -13.44
N GLY A 315 -11.21 -14.85 -14.19
CA GLY A 315 -11.30 -13.43 -14.50
C GLY A 315 -10.41 -12.57 -13.64
N SER A 316 -10.20 -11.35 -14.11
CA SER A 316 -9.49 -10.32 -13.33
C SER A 316 -10.31 -9.90 -12.10
N TYR A 317 -9.64 -9.23 -11.17
CA TYR A 317 -10.26 -8.82 -9.92
C TYR A 317 -10.77 -10.08 -9.18
N GLY A 318 -9.95 -11.13 -9.19
CA GLY A 318 -10.36 -12.45 -8.72
C GLY A 318 -9.81 -12.84 -7.34
N THR A 319 -10.23 -14.02 -6.92
CA THR A 319 -9.96 -14.57 -5.59
C THR A 319 -8.98 -15.76 -5.61
N MET A 320 -8.13 -15.84 -6.62
CA MET A 320 -7.13 -16.91 -6.73
C MET A 320 -6.21 -17.13 -5.55
N ASN A 321 -5.88 -16.07 -4.86
CA ASN A 321 -5.02 -16.19 -3.73
C ASN A 321 -5.73 -16.57 -2.45
N ASN A 322 -7.05 -16.66 -2.47
CA ASN A 322 -7.81 -16.91 -1.26
C ASN A 322 -8.87 -17.98 -1.42
N GLY A 323 -8.53 -19.06 -2.12
CA GLY A 323 -9.38 -20.25 -2.17
C GLY A 323 -9.95 -20.59 -3.55
N GLY A 324 -9.70 -19.74 -4.54
CA GLY A 324 -10.13 -20.01 -5.92
C GLY A 324 -11.63 -19.80 -6.07
N ILE A 325 -12.23 -20.56 -6.97
CA ILE A 325 -13.65 -20.34 -7.30
C ILE A 325 -14.62 -20.73 -6.17
N ALA A 326 -14.17 -21.56 -5.23
CA ALA A 326 -14.92 -21.85 -4.01
C ALA A 326 -15.26 -20.62 -3.19
N ASN A 327 -14.48 -19.55 -3.35
CA ASN A 327 -14.60 -18.33 -2.56
C ASN A 327 -15.85 -17.53 -3.03
N PRO A 328 -15.94 -17.17 -4.33
CA PRO A 328 -17.25 -16.62 -4.80
C PRO A 328 -18.47 -17.55 -4.63
N LEU A 329 -18.27 -18.85 -4.80
CA LEU A 329 -19.32 -19.82 -4.58
C LEU A 329 -19.84 -19.79 -3.15
N LEU A 330 -18.95 -19.68 -2.15
CA LEU A 330 -19.40 -19.56 -0.76
C LEU A 330 -20.20 -18.28 -0.59
N TRP A 331 -19.67 -17.17 -1.09
CA TRP A 331 -20.39 -15.88 -1.09
C TRP A 331 -21.83 -15.99 -1.60
N ALA A 332 -21.99 -16.63 -2.77
CA ALA A 332 -23.30 -16.89 -3.39
C ALA A 332 -24.21 -17.80 -2.54
N GLU A 333 -23.66 -18.90 -2.04
CA GLU A 333 -24.43 -19.84 -1.22
C GLU A 333 -24.94 -19.24 0.09
N VAL A 334 -24.14 -18.38 0.72
CA VAL A 334 -24.56 -17.70 1.95
C VAL A 334 -25.76 -16.79 1.68
N GLN A 335 -25.65 -15.95 0.67
CA GLN A 335 -26.75 -15.04 0.36
C GLN A 335 -28.00 -15.75 -0.12
N LEU A 336 -27.83 -16.75 -0.97
CA LEU A 336 -28.95 -17.60 -1.39
C LEU A 336 -29.56 -18.40 -0.24
N TYR A 337 -28.78 -18.84 0.72
CA TYR A 337 -29.36 -19.50 1.89
C TYR A 337 -30.19 -18.50 2.71
N LEU A 338 -29.63 -17.33 2.97
CA LEU A 338 -30.31 -16.27 3.72
C LEU A 338 -31.55 -15.77 2.99
N LEU A 339 -31.52 -15.76 1.66
CA LEU A 339 -32.64 -15.29 0.84
C LEU A 339 -33.83 -16.26 0.83
N THR A 340 -33.50 -17.53 0.80
CA THR A 340 -34.32 -18.59 0.25
C THR A 340 -34.62 -19.72 1.28
N GLY A 341 -33.66 -20.06 2.12
CA GLY A 341 -33.83 -21.15 3.08
C GLY A 341 -33.64 -22.57 2.53
N ASP A 342 -33.17 -22.75 1.28
CA ASP A 342 -33.01 -24.11 0.71
C ASP A 342 -31.81 -24.73 1.41
N ALA A 343 -32.04 -25.89 2.03
CA ALA A 343 -31.01 -26.70 2.67
C ALA A 343 -29.75 -26.95 1.83
N ALA A 344 -29.91 -27.05 0.50
CA ALA A 344 -28.78 -27.32 -0.39
C ALA A 344 -27.71 -26.24 -0.26
N TYR A 345 -28.13 -24.97 -0.19
CA TYR A 345 -27.18 -23.85 0.00
C TYR A 345 -26.41 -23.91 1.33
N LYS A 346 -27.11 -24.18 2.41
CA LYS A 346 -26.48 -24.36 3.72
C LYS A 346 -25.49 -25.53 3.74
N THR A 347 -25.89 -26.67 3.18
CA THR A 347 -25.03 -27.86 3.11
C THR A 347 -23.72 -27.55 2.38
N GLN A 348 -23.84 -26.99 1.19
CA GLN A 348 -22.68 -26.59 0.40
C GLN A 348 -21.79 -25.54 1.11
N ALA A 349 -22.40 -24.51 1.69
CA ALA A 349 -21.67 -23.47 2.43
C ALA A 349 -20.86 -24.10 3.56
N GLN A 350 -21.49 -24.99 4.31
CA GLN A 350 -20.85 -25.57 5.48
C GLN A 350 -19.68 -26.46 5.11
N THR A 351 -19.76 -27.24 4.03
CA THR A 351 -18.57 -27.97 3.49
C THR A 351 -17.41 -27.00 3.14
N ARG A 352 -17.71 -25.89 2.50
CA ARG A 352 -16.68 -24.91 2.13
C ARG A 352 -16.04 -24.25 3.38
N ILE A 353 -16.88 -23.89 4.34
CA ILE A 353 -16.42 -23.29 5.60
C ILE A 353 -15.46 -24.24 6.35
N ASN A 354 -15.77 -25.54 6.38
CA ASN A 354 -14.88 -26.53 7.00
C ASN A 354 -13.48 -26.65 6.41
N ALA A 355 -13.31 -26.23 5.16
CA ALA A 355 -11.99 -26.24 4.52
C ALA A 355 -11.17 -24.99 4.79
N ILE A 356 -11.75 -23.96 5.38
CA ILE A 356 -11.06 -22.69 5.60
C ILE A 356 -10.15 -22.82 6.81
N ASN A 357 -8.93 -22.30 6.68
CA ASN A 357 -7.93 -22.35 7.72
C ASN A 357 -8.40 -21.37 8.78
N GLU A 358 -8.42 -21.79 10.04
CA GLU A 358 -8.75 -20.89 11.16
C GLU A 358 -7.73 -19.78 11.42
N ALA A 359 -6.47 -19.99 11.02
CA ALA A 359 -5.47 -18.92 11.07
C ALA A 359 -5.67 -18.07 9.82
N TYR A 360 -6.72 -17.25 9.81
CA TYR A 360 -7.16 -16.56 8.61
C TYR A 360 -6.71 -15.12 8.71
N VAL A 361 -6.10 -14.61 7.64
CA VAL A 361 -5.46 -13.28 7.63
C VAL A 361 -5.88 -12.33 6.50
N SER A 362 -6.71 -12.79 5.56
CA SER A 362 -7.09 -11.97 4.41
C SER A 362 -8.33 -11.13 4.73
N SER A 363 -8.45 -9.98 4.09
CA SER A 363 -9.59 -9.05 4.24
C SER A 363 -10.64 -9.22 3.15
N THR A 364 -11.86 -8.76 3.44
CA THR A 364 -12.92 -8.68 2.41
C THR A 364 -12.64 -7.58 1.39
N ASN A 365 -12.45 -8.00 0.15
CA ASN A 365 -12.44 -7.09 -1.00
C ASN A 365 -12.58 -7.98 -2.25
N TYR A 366 -12.25 -7.52 -3.46
CA TYR A 366 -12.46 -8.32 -4.65
C TYR A 366 -11.66 -9.62 -4.59
N TRP A 367 -10.52 -9.55 -3.89
CA TRP A 367 -9.66 -10.70 -3.76
C TRP A 367 -10.20 -11.80 -2.81
N ASP A 368 -11.27 -11.53 -2.04
CA ASP A 368 -11.72 -12.48 -1.00
C ASP A 368 -13.11 -12.08 -0.49
N MET A 369 -14.10 -12.92 -0.71
CA MET A 369 -15.45 -12.74 -0.14
C MET A 369 -15.64 -13.39 1.24
N HIS A 370 -14.63 -14.15 1.71
CA HIS A 370 -14.81 -15.00 2.88
C HIS A 370 -15.25 -14.30 4.19
N PRO A 371 -14.48 -13.31 4.67
CA PRO A 371 -14.85 -12.81 6.01
C PRO A 371 -16.26 -12.24 6.08
N ILE A 372 -16.63 -11.42 5.09
CA ILE A 372 -18.00 -10.90 5.05
C ILE A 372 -19.04 -12.04 4.92
N ALA A 373 -18.74 -13.05 4.09
CA ALA A 373 -19.68 -14.17 3.91
C ALA A 373 -19.83 -14.96 5.22
N LEU A 374 -18.73 -15.13 5.93
CA LEU A 374 -18.77 -15.86 7.18
C LEU A 374 -19.59 -15.13 8.23
N ALA A 375 -19.40 -13.80 8.32
CA ALA A 375 -20.12 -12.95 9.26
C ALA A 375 -21.62 -13.02 8.98
N GLU A 376 -21.96 -12.94 7.68
CA GLU A 376 -23.34 -13.11 7.21
C GLU A 376 -23.95 -14.46 7.56
N PHE A 377 -23.18 -15.53 7.35
CA PHE A 377 -23.63 -16.88 7.59
C PHE A 377 -23.73 -17.26 9.08
N TYR A 378 -22.92 -16.67 9.95
CA TYR A 378 -22.83 -17.08 11.38
C TYR A 378 -24.19 -17.40 12.05
N PRO A 379 -25.15 -16.46 12.01
CA PRO A 379 -26.34 -16.71 12.82
C PRO A 379 -27.19 -17.92 12.41
N VAL A 380 -27.10 -18.36 11.15
CA VAL A 380 -27.86 -19.53 10.69
C VAL A 380 -27.01 -20.80 10.57
N ALA A 381 -25.77 -20.76 11.04
CA ALA A 381 -24.87 -21.90 10.95
C ALA A 381 -25.18 -22.86 12.05
N ASP A 382 -24.84 -24.13 11.82
CA ASP A 382 -24.87 -25.13 12.87
C ASP A 382 -23.80 -24.77 13.92
N SER A 383 -24.05 -25.20 15.14
CA SER A 383 -23.21 -24.84 16.30
C SER A 383 -21.68 -25.05 16.09
N ALA A 384 -21.28 -26.19 15.53
CA ALA A 384 -19.86 -26.45 15.25
C ALA A 384 -19.25 -25.48 14.20
N ILE A 385 -20.06 -25.07 13.24
CA ILE A 385 -19.66 -24.10 12.25
C ILE A 385 -19.64 -22.70 12.85
N LYS A 386 -20.55 -22.39 13.79
CA LYS A 386 -20.45 -21.12 14.52
C LYS A 386 -19.08 -21.00 15.20
N THR A 387 -18.67 -22.07 15.88
CA THR A 387 -17.40 -22.10 16.59
C THR A 387 -16.26 -21.83 15.65
N LYS A 388 -16.30 -22.50 14.51
CA LYS A 388 -15.26 -22.34 13.49
C LYS A 388 -15.20 -20.92 12.91
N ILE A 389 -16.36 -20.35 12.59
CA ILE A 389 -16.46 -18.97 12.11
C ILE A 389 -15.91 -17.99 13.14
N GLN A 390 -16.30 -18.14 14.40
CA GLN A 390 -15.80 -17.21 15.44
C GLN A 390 -14.27 -17.29 15.50
N SER A 391 -13.73 -18.49 15.38
CA SER A 391 -12.29 -18.69 15.42
C SER A 391 -11.56 -18.04 14.24
N ILE A 392 -12.12 -18.22 13.05
CA ILE A 392 -11.62 -17.61 11.83
C ILE A 392 -11.62 -16.08 11.95
N LEU A 393 -12.77 -15.53 12.32
CA LEU A 393 -12.95 -14.07 12.30
C LEU A 393 -12.19 -13.38 13.45
N LYS A 394 -12.10 -14.05 14.58
CA LYS A 394 -11.31 -13.58 15.70
C LYS A 394 -9.84 -13.54 15.33
N HIS A 395 -9.33 -14.60 14.70
CA HIS A 395 -7.94 -14.61 14.21
C HIS A 395 -7.61 -13.46 13.27
N GLN A 396 -8.52 -13.23 12.33
CA GLN A 396 -8.35 -12.17 11.34
C GLN A 396 -8.41 -10.79 11.99
N ALA A 397 -9.35 -10.61 12.90
CA ALA A 397 -9.52 -9.33 13.61
C ALA A 397 -8.24 -8.97 14.37
N TYR A 398 -7.67 -9.94 15.07
CA TYR A 398 -6.45 -9.68 15.84
C TYR A 398 -5.16 -9.66 14.99
N TYR A 399 -5.14 -10.30 13.83
CA TYR A 399 -4.11 -10.07 12.81
C TYR A 399 -4.05 -8.58 12.45
N PHE A 400 -5.22 -8.01 12.14
CA PHE A 400 -5.32 -6.57 11.82
C PHE A 400 -4.94 -5.70 13.01
N ILE A 401 -5.50 -6.01 14.18
CA ILE A 401 -5.23 -5.22 15.39
C ILE A 401 -3.70 -5.24 15.67
N THR A 402 -3.07 -6.41 15.53
CA THR A 402 -1.65 -6.51 15.84
C THR A 402 -0.75 -5.97 14.74
N LEU A 403 -1.24 -5.89 13.50
CA LEU A 403 -0.51 -5.12 12.50
C LEU A 403 -0.71 -3.62 12.65
N MET A 404 -1.74 -3.19 13.38
CA MET A 404 -1.89 -1.77 13.72
C MET A 404 -1.08 -1.31 14.91
N ASP A 405 -0.67 -2.25 15.75
CA ASP A 405 0.01 -1.93 17.01
C ASP A 405 1.45 -1.45 16.86
N GLU A 406 1.94 -1.37 15.60
CA GLU A 406 3.34 -1.03 15.31
C GLU A 406 3.52 0.37 14.70
N THR A 407 2.44 1.17 14.65
CA THR A 407 2.58 2.62 14.52
C THR A 407 1.56 3.24 15.45
N PRO A 408 1.76 4.51 15.82
CA PRO A 408 0.77 5.23 16.63
C PRO A 408 -0.39 5.81 15.81
N TYR A 409 -0.35 5.65 14.49
CA TYR A 409 -1.32 6.26 13.58
C TYR A 409 -2.54 5.38 13.25
N GLY A 410 -2.54 4.12 13.69
CA GLY A 410 -3.70 3.24 13.55
C GLY A 410 -3.91 2.69 12.14
N VAL A 411 -2.83 2.53 11.37
CA VAL A 411 -2.85 1.97 10.03
C VAL A 411 -2.38 0.53 10.03
N LEU A 412 -3.01 -0.29 9.19
CA LEU A 412 -2.45 -1.58 8.80
C LEU A 412 -1.01 -1.35 8.33
N ASN A 413 -0.02 -1.89 9.02
CA ASN A 413 1.39 -1.67 8.64
C ASN A 413 1.80 -2.60 7.47
N GLN A 414 1.32 -2.26 6.28
CA GLN A 414 1.53 -3.03 5.07
C GLN A 414 1.53 -2.08 3.90
N PHE A 415 2.72 -1.84 3.34
CA PHE A 415 2.94 -0.85 2.25
C PHE A 415 3.54 -1.50 1.04
N GLY A 416 3.10 -1.07 -0.13
CA GLY A 416 3.55 -1.60 -1.40
C GLY A 416 3.27 -0.64 -2.55
N ASN A 417 2.98 -1.20 -3.72
CA ASN A 417 2.95 -0.41 -4.96
C ASN A 417 1.55 0.11 -5.29
N PHE A 418 0.66 0.02 -4.30
CA PHE A 418 -0.67 0.58 -4.35
C PHE A 418 -1.01 1.03 -2.93
N GLY A 419 -1.87 2.04 -2.84
CA GLY A 419 -2.10 2.66 -1.55
C GLY A 419 -2.67 1.75 -0.47
N VAL A 420 -2.20 1.99 0.76
CA VAL A 420 -2.53 1.19 1.92
C VAL A 420 -4.01 1.22 2.29
N ASN A 421 -4.71 2.27 1.90
CA ASN A 421 -6.10 2.43 2.35
C ASN A 421 -7.02 1.36 1.77
N GLU A 422 -6.65 0.77 0.63
CA GLU A 422 -7.42 -0.31 0.02
C GLU A 422 -7.56 -1.51 0.98
N PRO A 423 -6.44 -2.16 1.36
CA PRO A 423 -6.60 -3.22 2.35
C PRO A 423 -7.01 -2.69 3.74
N HIS A 424 -6.45 -1.54 4.15
CA HIS A 424 -6.71 -1.02 5.48
C HIS A 424 -8.24 -0.85 5.74
N ALA A 425 -8.92 -0.16 4.84
CA ALA A 425 -10.35 0.08 5.00
C ALA A 425 -11.14 -1.24 4.95
N SER A 426 -10.66 -2.24 4.22
CA SER A 426 -11.31 -3.57 4.13
C SER A 426 -11.27 -4.31 5.46
N TYR A 427 -10.09 -4.37 6.06
CA TYR A 427 -9.93 -4.89 7.41
C TYR A 427 -10.76 -4.14 8.42
N MET A 428 -10.87 -2.81 8.27
CA MET A 428 -11.64 -1.98 9.18
C MET A 428 -13.11 -2.45 9.23
N ALA A 429 -13.72 -2.63 8.05
CA ALA A 429 -15.10 -3.11 7.99
C ALA A 429 -15.24 -4.54 8.54
N ASP A 430 -14.28 -5.42 8.23
CA ASP A 430 -14.30 -6.77 8.82
C ASP A 430 -14.25 -6.72 10.36
N LEU A 431 -13.42 -5.81 10.88
CA LEU A 431 -13.30 -5.62 12.30
C LEU A 431 -14.64 -5.17 12.93
N LEU A 432 -15.31 -4.24 12.28
CA LEU A 432 -16.60 -3.78 12.76
C LEU A 432 -17.61 -4.94 12.79
N ARG A 433 -17.62 -5.77 11.75
CA ARG A 433 -18.54 -6.92 11.71
C ARG A 433 -18.23 -7.93 12.80
N TYR A 434 -16.94 -8.09 13.10
CA TYR A 434 -16.52 -8.94 14.18
C TYR A 434 -17.08 -8.40 15.53
N TYR A 435 -17.00 -7.09 15.75
CA TYR A 435 -17.63 -6.46 16.92
C TYR A 435 -19.16 -6.70 16.91
N GLU A 436 -19.81 -6.49 15.77
CA GLU A 436 -21.28 -6.70 15.68
C GLU A 436 -21.65 -8.10 16.16
N LEU A 437 -20.89 -9.12 15.76
CA LEU A 437 -21.21 -10.51 16.12
C LEU A 437 -20.83 -10.89 17.54
N PHE A 438 -19.69 -10.40 18.02
CA PHE A 438 -19.13 -10.93 19.28
C PHE A 438 -18.91 -9.92 20.38
N ASN A 439 -19.33 -8.68 20.14
CA ASN A 439 -19.39 -7.63 21.16
C ASN A 439 -18.05 -7.44 21.87
N ASP A 440 -17.00 -7.34 21.06
CA ASP A 440 -15.63 -7.25 21.55
C ASP A 440 -15.24 -5.76 21.51
N PRO A 441 -15.16 -5.10 22.70
CA PRO A 441 -14.91 -3.65 22.73
C PRO A 441 -13.55 -3.22 22.19
N VAL A 442 -12.56 -4.12 22.26
CA VAL A 442 -11.22 -3.83 21.71
C VAL A 442 -11.30 -3.73 20.20
N ALA A 443 -12.14 -4.56 19.58
CA ALA A 443 -12.34 -4.51 18.15
C ALA A 443 -13.05 -3.25 17.72
N LEU A 444 -14.09 -2.86 18.45
CA LEU A 444 -14.81 -1.61 18.14
C LEU A 444 -13.90 -0.39 18.20
N ARG A 445 -13.14 -0.26 19.27
CA ARG A 445 -12.16 0.83 19.40
C ARG A 445 -11.11 0.85 18.29
N ALA A 446 -10.56 -0.32 17.94
CA ALA A 446 -9.59 -0.38 16.83
C ALA A 446 -10.20 -0.04 15.48
N ALA A 447 -11.45 -0.41 15.25
CA ALA A 447 -12.13 -0.02 13.99
C ALA A 447 -12.20 1.51 13.86
N LYS A 448 -12.50 2.17 14.97
CA LYS A 448 -12.55 3.63 15.00
C LYS A 448 -11.19 4.25 14.82
N LYS A 449 -10.15 3.72 15.47
CA LYS A 449 -8.74 4.14 15.19
C LYS A 449 -8.43 4.05 13.70
N ALA A 450 -8.75 2.91 13.12
CA ALA A 450 -8.54 2.66 11.71
C ALA A 450 -9.22 3.74 10.84
N LEU A 451 -10.46 4.08 11.18
CA LEU A 451 -11.19 5.17 10.49
C LEU A 451 -10.49 6.53 10.57
N TYR A 452 -10.00 6.87 11.75
CA TYR A 452 -9.35 8.17 11.96
C TYR A 452 -8.11 8.38 11.09
N TRP A 453 -7.35 7.31 10.87
CA TRP A 453 -6.25 7.31 9.90
C TRP A 453 -6.65 7.84 8.53
N ILE A 454 -7.77 7.33 8.03
CA ILE A 454 -8.23 7.60 6.67
C ILE A 454 -8.58 9.08 6.47
N VAL A 455 -9.08 9.69 7.54
CA VAL A 455 -9.61 11.04 7.48
CA VAL A 455 -9.62 11.06 7.49
C VAL A 455 -8.74 12.08 8.23
N GLY A 456 -7.48 11.72 8.46
CA GLY A 456 -6.50 12.70 8.86
C GLY A 456 -5.48 12.37 9.90
N ASN A 457 -5.65 11.27 10.64
CA ASN A 457 -4.75 10.96 11.75
C ASN A 457 -3.52 10.23 11.21
N ASN A 458 -2.68 10.99 10.53
CA ASN A 458 -1.56 10.48 9.81
C ASN A 458 -0.58 11.62 9.62
N PRO A 459 0.69 11.31 9.33
CA PRO A 459 1.70 12.35 9.29
C PRO A 459 1.70 13.21 8.03
N TRP A 460 0.83 12.92 7.06
CA TRP A 460 0.62 13.85 5.95
C TRP A 460 -0.44 14.87 6.31
N ASN A 461 -1.10 14.73 7.46
CA ASN A 461 -2.08 15.69 7.96
C ASN A 461 -3.14 15.96 6.89
N ILE A 462 -3.67 14.87 6.30
CA ILE A 462 -4.53 14.94 5.13
C ILE A 462 -5.63 13.86 5.24
N SER A 463 -6.81 14.22 4.79
CA SER A 463 -7.91 13.26 4.65
C SER A 463 -7.81 12.69 3.25
N TRP A 464 -7.81 11.37 3.13
CA TRP A 464 -7.86 10.72 1.81
C TRP A 464 -9.30 10.54 1.30
N VAL A 465 -10.26 11.22 1.92
CA VAL A 465 -11.65 11.20 1.51
C VAL A 465 -12.06 12.57 0.92
N SER A 466 -12.35 12.55 -0.38
CA SER A 466 -12.64 13.77 -1.12
C SER A 466 -13.78 14.56 -0.47
N GLY A 467 -13.55 15.86 -0.27
CA GLY A 467 -14.54 16.79 0.31
C GLY A 467 -14.67 16.71 1.81
N VAL A 468 -13.99 15.76 2.45
CA VAL A 468 -14.14 15.51 3.88
C VAL A 468 -12.87 15.96 4.60
N GLY A 469 -13.03 16.98 5.46
CA GLY A 469 -11.95 17.54 6.25
C GLY A 469 -11.54 18.92 5.76
N SER A 470 -10.51 19.48 6.36
CA SER A 470 -10.01 20.82 5.97
C SER A 470 -8.98 20.70 4.89
N ASN A 471 -8.20 19.63 4.92
CA ASN A 471 -7.26 19.34 3.87
C ASN A 471 -7.43 17.89 3.45
N PHE A 472 -7.96 17.71 2.25
CA PHE A 472 -8.13 16.38 1.66
C PHE A 472 -7.49 16.26 0.30
N THR A 473 -7.39 15.04 -0.21
CA THR A 473 -6.84 14.81 -1.56
C THR A 473 -7.71 15.51 -2.59
N ASP A 474 -7.09 16.40 -3.38
CA ASP A 474 -7.74 17.26 -4.35
C ASP A 474 -7.65 16.73 -5.78
N PHE A 475 -6.53 16.10 -6.13
CA PHE A 475 -6.29 15.66 -7.50
C PHE A 475 -6.64 14.21 -7.74
N LEU A 476 -7.93 13.90 -7.68
CA LEU A 476 -8.43 12.57 -7.91
C LEU A 476 -8.06 12.10 -9.32
N HIS A 477 -7.62 10.86 -9.42
CA HIS A 477 -7.30 10.27 -10.69
C HIS A 477 -8.60 9.85 -11.36
N THR A 478 -9.16 10.72 -12.20
CA THR A 478 -10.41 10.42 -12.86
C THR A 478 -10.61 11.19 -14.17
N ARG A 479 -11.12 10.45 -15.16
CA ARG A 479 -11.52 11.05 -16.43
C ARG A 479 -12.73 11.96 -16.34
N LEU A 480 -13.42 11.89 -15.20
CA LEU A 480 -14.45 12.87 -14.89
C LEU A 480 -13.88 14.29 -14.69
N ASP A 481 -12.56 14.42 -14.48
CA ASP A 481 -11.89 15.73 -14.44
C ASP A 481 -11.23 16.03 -15.78
N GLU A 482 -11.98 16.75 -16.62
CA GLU A 482 -11.49 17.20 -17.93
C GLU A 482 -10.34 18.20 -17.81
N GLU A 483 -10.21 18.86 -16.66
CA GLU A 483 -9.10 19.77 -16.40
C GLU A 483 -7.84 19.06 -15.85
N ALA A 484 -7.80 17.72 -15.80
CA ALA A 484 -6.71 17.04 -15.11
C ALA A 484 -5.31 17.43 -15.60
N TYR A 485 -5.11 17.60 -16.91
CA TYR A 485 -3.78 17.96 -17.46
C TYR A 485 -3.49 19.45 -17.42
N SER A 486 -4.47 20.26 -17.02
CA SER A 486 -4.27 21.72 -16.94
C SER A 486 -3.51 22.07 -15.66
N GLN A 487 -2.41 22.79 -15.83
CA GLN A 487 -1.57 23.21 -14.71
C GLN A 487 -2.19 24.30 -13.83
N THR A 488 -3.33 24.86 -14.24
CA THR A 488 -4.12 25.73 -13.36
C THR A 488 -5.31 25.05 -12.67
N ASN A 489 -5.58 23.78 -13.00
CA ASN A 489 -6.59 23.00 -12.26
C ASN A 489 -6.25 22.94 -10.77
N THR A 490 -7.26 23.11 -9.92
CA THR A 490 -7.07 23.02 -8.47
C THR A 490 -7.65 21.77 -7.83
N GLY A 491 -8.33 20.96 -8.61
CA GLY A 491 -8.71 19.64 -8.18
C GLY A 491 -10.12 19.33 -8.61
N VAL A 492 -10.66 18.27 -8.03
CA VAL A 492 -11.99 17.79 -8.34
C VAL A 492 -12.57 17.11 -7.10
N VAL A 493 -13.81 17.42 -6.77
CA VAL A 493 -14.47 16.81 -5.61
C VAL A 493 -15.49 15.78 -6.07
N LEU A 494 -15.30 14.53 -5.66
CA LEU A 494 -16.27 13.49 -5.85
C LEU A 494 -16.60 13.07 -4.42
N PRO A 495 -17.72 13.60 -3.85
CA PRO A 495 -17.88 13.51 -2.40
C PRO A 495 -17.79 12.09 -1.87
N GLY A 496 -17.01 11.89 -0.81
CA GLY A 496 -16.83 10.59 -0.18
C GLY A 496 -15.76 9.70 -0.79
N ALA A 497 -15.16 10.10 -1.92
CA ALA A 497 -14.26 9.19 -2.63
C ALA A 497 -12.97 8.96 -1.85
N MET A 498 -12.70 7.71 -1.47
CA MET A 498 -11.43 7.39 -0.76
C MET A 498 -10.34 6.97 -1.72
N VAL A 499 -9.24 7.71 -1.76
CA VAL A 499 -8.09 7.30 -2.57
C VAL A 499 -7.22 6.30 -1.79
N SER A 500 -6.44 5.51 -2.52
CA SER A 500 -5.68 4.43 -1.88
C SER A 500 -4.60 4.97 -0.94
N GLY A 501 -4.02 6.13 -1.25
CA GLY A 501 -3.12 6.77 -0.32
C GLY A 501 -1.70 6.22 -0.31
N PRO A 502 -1.03 6.20 0.87
CA PRO A 502 0.40 5.99 0.93
C PRO A 502 0.87 4.64 0.37
N ASN A 503 1.93 4.72 -0.45
CA ASN A 503 2.65 3.60 -1.07
C ASN A 503 3.98 3.39 -0.28
N ILE A 504 4.69 2.32 -0.60
CA ILE A 504 6.01 2.05 0.00
C ILE A 504 7.03 3.15 -0.37
N LYS A 505 6.92 3.64 -1.61
CA LYS A 505 7.78 4.65 -2.22
C LYS A 505 6.92 5.49 -3.18
N ASP A 506 7.48 6.62 -3.59
CA ASP A 506 7.03 7.33 -4.78
C ASP A 506 7.18 6.32 -5.92
N PRO A 507 6.09 6.02 -6.65
CA PRO A 507 6.23 5.04 -7.76
C PRO A 507 7.22 5.46 -8.87
N ASN A 508 7.58 6.75 -8.93
CA ASN A 508 8.56 7.26 -9.88
C ASN A 508 9.93 7.54 -9.30
N ASN A 509 10.13 7.20 -8.02
CA ASN A 509 11.43 7.45 -7.35
C ASN A 509 11.62 6.48 -6.17
N LYS A 510 12.30 5.38 -6.49
CA LYS A 510 12.73 4.40 -5.47
C LYS A 510 13.48 4.99 -4.28
N LEU A 511 14.17 6.13 -4.45
CA LEU A 511 14.92 6.74 -3.36
C LEU A 511 14.10 7.81 -2.61
N SER A 512 12.78 7.80 -2.77
CA SER A 512 11.94 8.67 -1.97
C SER A 512 11.91 8.22 -0.50
N SER A 513 11.27 9.04 0.33
CA SER A 513 10.81 8.62 1.66
C SER A 513 9.95 7.33 1.57
N SER A 514 9.94 6.56 2.66
CA SER A 514 9.18 5.32 2.75
C SER A 514 8.53 5.27 4.16
N PRO A 515 7.21 5.21 4.27
CA PRO A 515 6.26 5.31 3.15
C PRO A 515 6.18 6.71 2.54
N TRP A 516 5.36 6.82 1.49
CA TRP A 516 5.27 8.03 0.65
C TRP A 516 3.84 8.32 0.23
N TYR A 517 3.49 9.60 0.24
CA TYR A 517 2.27 10.08 -0.34
C TYR A 517 2.44 11.57 -0.68
N GLU A 518 2.03 11.96 -1.88
CA GLU A 518 1.83 13.38 -2.20
C GLU A 518 0.55 13.51 -3.01
N ASP A 519 -0.13 14.63 -2.85
CA ASP A 519 -1.35 14.90 -3.62
C ASP A 519 -0.90 15.58 -4.92
N LYS A 520 -0.44 14.77 -5.85
CA LYS A 520 0.16 15.29 -7.08
C LYS A 520 -0.91 15.30 -8.16
N PRO A 521 -0.95 16.39 -8.95
CA PRO A 521 -1.79 16.39 -10.14
C PRO A 521 -1.27 15.44 -11.21
N ILE A 522 -2.19 15.03 -12.09
CA ILE A 522 -1.92 14.08 -13.17
CA ILE A 522 -1.85 14.04 -13.13
C ILE A 522 -0.80 14.57 -14.11
N TRP A 523 -0.81 15.86 -14.41
CA TRP A 523 0.23 16.42 -15.28
C TRP A 523 1.66 16.30 -14.71
N ALA A 524 1.76 16.24 -13.37
CA ALA A 524 3.04 16.06 -12.68
C ALA A 524 3.43 14.57 -12.54
N ASP A 525 2.44 13.68 -12.62
CA ASP A 525 2.72 12.23 -12.62
C ASP A 525 1.70 11.57 -13.55
N ASP A 526 2.02 11.52 -14.83
CA ASP A 526 1.07 11.03 -15.85
C ASP A 526 1.22 9.53 -16.09
N THR A 527 2.10 8.84 -15.36
CA THR A 527 2.26 7.41 -15.54
C THR A 527 1.80 6.59 -14.33
N ASN A 528 1.93 7.10 -13.09
CA ASN A 528 1.65 6.26 -11.90
C ASN A 528 0.79 6.94 -10.82
N GLN A 529 0.13 8.05 -11.15
CA GLN A 529 -0.65 8.79 -10.16
C GLN A 529 -1.82 7.99 -9.61
N TRP A 530 -2.36 7.10 -10.44
CA TRP A 530 -3.41 6.14 -10.07
C TRP A 530 -3.04 5.16 -8.94
N ARG A 531 -1.74 5.03 -8.61
CA ARG A 531 -1.30 4.13 -7.53
C ARG A 531 -1.57 4.68 -6.15
N TYR A 532 -1.82 6.00 -6.07
CA TYR A 532 -2.09 6.66 -4.79
C TYR A 532 -3.28 7.62 -4.79
N ASN A 533 -3.63 8.22 -5.93
CA ASN A 533 -4.73 9.20 -5.97
C ASN A 533 -6.02 8.73 -6.65
N GLU A 534 -6.21 7.41 -6.76
CA GLU A 534 -7.40 6.86 -7.41
C GLU A 534 -8.28 6.13 -6.41
N TYR A 535 -9.57 6.38 -6.53
CA TYR A 535 -10.65 5.70 -5.80
C TYR A 535 -11.14 4.50 -6.66
N SER A 536 -12.02 3.69 -6.09
CA SER A 536 -12.75 2.70 -6.91
C SER A 536 -13.96 2.20 -6.19
N VAL A 537 -14.87 1.60 -6.96
CA VAL A 537 -16.04 0.95 -6.39
C VAL A 537 -15.72 -0.05 -5.32
N SER A 538 -14.59 -0.76 -5.43
CA SER A 538 -14.18 -1.77 -4.46
C SER A 538 -13.29 -1.20 -3.34
N ILE A 539 -12.40 -0.28 -3.68
CA ILE A 539 -11.63 0.46 -2.66
C ILE A 539 -12.54 1.10 -1.59
N GLN A 540 -13.64 1.72 -2.02
CA GLN A 540 -14.58 2.41 -1.15
C GLN A 540 -15.34 1.56 -0.13
N THR A 541 -15.45 0.30 -0.47
CA THR A 541 -16.35 -0.67 0.15
C THR A 541 -16.26 -0.75 1.70
N GLY A 542 -15.06 -0.85 2.24
CA GLY A 542 -14.90 -0.95 3.70
C GLY A 542 -15.22 0.34 4.42
N LEU A 543 -14.92 1.47 3.78
CA LEU A 543 -15.27 2.78 4.38
C LEU A 543 -16.78 2.98 4.33
N PHE A 544 -17.36 2.64 3.16
CA PHE A 544 -18.82 2.68 2.96
C PHE A 544 -19.47 1.88 4.06
N TYR A 545 -19.09 0.61 4.21
CA TYR A 545 -19.68 -0.25 5.25
C TYR A 545 -19.55 0.38 6.66
N THR A 546 -18.34 0.80 7.00
CA THR A 546 -18.04 1.32 8.35
C THR A 546 -18.85 2.59 8.70
N ILE A 547 -19.02 3.49 7.73
CA ILE A 547 -19.82 4.70 7.96
C ILE A 547 -21.26 4.28 8.22
N MET A 548 -21.77 3.29 7.50
CA MET A 548 -23.13 2.86 7.72
C MET A 548 -23.30 2.22 9.09
N GLY A 549 -22.36 1.36 9.46
CA GLY A 549 -22.45 0.69 10.74
C GLY A 549 -22.31 1.64 11.92
N LEU A 550 -21.36 2.57 11.85
CA LEU A 550 -21.19 3.55 12.91
C LEU A 550 -22.35 4.56 12.93
N SER A 551 -22.96 4.84 11.79
CA SER A 551 -24.19 5.67 11.77
C SER A 551 -25.30 5.00 12.56
N ALA A 552 -25.44 3.67 12.40
CA ALA A 552 -26.46 2.92 13.17
C ALA A 552 -26.07 2.72 14.63
N LEU A 553 -24.80 2.44 14.89
CA LEU A 553 -24.38 2.09 16.24
C LEU A 553 -24.34 3.30 17.16
N GLY A 554 -23.99 4.45 16.59
CA GLY A 554 -23.77 5.67 17.34
C GLY A 554 -22.44 5.66 18.05
N GLY A 555 -22.29 6.55 19.01
CA GLY A 555 -21.10 6.61 19.83
C GLY A 555 -21.24 5.66 21.00
N ASN A 556 -20.10 5.16 21.45
CA ASN A 556 -20.04 4.18 22.51
C ASN A 556 -18.59 4.15 23.00
N ALA A 557 -18.41 4.26 24.31
CA ALA A 557 -17.09 4.24 24.94
C ALA A 557 -16.79 2.80 25.27
N SER A 558 -16.13 2.11 24.35
C SER A 558 -13.87 1.23 26.38
N THR A 559 -13.47 1.61 27.58
CA THR A 559 -12.14 1.31 28.11
C THR A 559 -11.81 -0.21 28.18
N GLY A 560 -12.83 -1.08 28.19
CA GLY A 560 -12.65 -2.56 28.32
C GLY A 560 -11.65 -3.29 27.41
N GLY A 561 -11.16 -4.44 27.88
CA GLY A 561 -10.52 -5.47 27.02
C GLY A 561 -9.01 -5.76 26.97
N ALA A 562 -8.70 -7.05 26.95
CA ALA A 562 -7.35 -7.60 26.76
C ALA A 562 -6.81 -7.29 25.36
N GLU A 563 -5.56 -6.87 25.28
CA GLU A 563 -4.94 -6.65 24.01
C GLU A 563 -3.80 -7.60 23.87
N PRO A 564 -3.50 -8.02 22.63
CA PRO A 564 -2.45 -9.01 22.50
C PRO A 564 -1.11 -8.39 22.82
N VAL A 565 -0.20 -9.24 23.25
CA VAL A 565 1.18 -8.83 23.45
C VAL A 565 1.73 -8.29 22.15
N LYS A 566 2.44 -7.18 22.23
CA LYS A 566 3.06 -6.61 21.05
C LYS A 566 4.36 -7.34 20.71
N LEU A 567 4.62 -7.44 19.41
CA LEU A 567 5.79 -8.07 18.86
C LEU A 567 6.64 -7.08 18.02
N PRO A 568 7.27 -6.11 18.69
CA PRO A 568 8.05 -5.12 17.91
C PRO A 568 9.17 -5.75 17.12
N ILE A 569 9.20 -5.43 15.82
CA ILE A 569 10.36 -5.71 14.98
C ILE A 569 11.28 -4.52 15.08
N THR A 570 12.50 -4.76 15.56
CA THR A 570 13.43 -3.70 15.90
C THR A 570 14.51 -3.45 14.86
N TRP A 571 14.60 -4.31 13.87
CA TRP A 571 15.65 -4.23 12.84
C TRP A 571 15.36 -5.24 11.76
N PRO A 572 15.59 -4.92 10.48
CA PRO A 572 15.59 -3.57 9.93
C PRO A 572 14.29 -2.88 10.16
N ILE A 573 14.31 -1.58 9.89
CA ILE A 573 13.19 -0.68 10.02
C ILE A 573 12.88 -0.11 8.62
N ILE A 574 11.59 0.10 8.34
CA ILE A 574 11.11 0.72 7.11
C ILE A 574 11.97 1.94 6.75
N GLY A 575 12.36 2.01 5.49
CA GLY A 575 13.26 3.03 5.01
C GLY A 575 14.71 2.54 4.95
N ASP A 576 15.03 1.38 5.56
CA ASP A 576 16.38 0.83 5.48
C ASP A 576 16.63 0.25 4.10
N TYR A 577 17.92 0.24 3.73
CA TYR A 577 18.43 -0.41 2.54
C TYR A 577 19.36 -1.55 2.95
N VAL A 578 19.30 -2.67 2.24
CA VAL A 578 19.99 -3.88 2.66
C VAL A 578 20.76 -4.54 1.54
N THR A 579 21.67 -5.44 1.93
CA THR A 579 22.40 -6.27 1.00
C THR A 579 22.75 -7.63 1.64
N GLY A 580 22.83 -8.67 0.82
CA GLY A 580 23.16 -10.02 1.26
C GLY A 580 22.17 -10.56 2.30
N ASP A 581 22.66 -11.27 3.30
CA ASP A 581 21.79 -11.82 4.32
C ASP A 581 21.37 -10.73 5.32
N VAL A 582 20.08 -10.63 5.55
CA VAL A 582 19.53 -9.67 6.46
C VAL A 582 19.07 -10.38 7.69
N THR A 583 19.36 -9.81 8.86
CA THR A 583 18.85 -10.40 10.10
C THR A 583 17.77 -9.50 10.63
N VAL A 584 16.57 -10.05 10.74
CA VAL A 584 15.42 -9.38 11.28
C VAL A 584 15.31 -9.73 12.76
N PHE A 585 15.17 -8.70 13.61
CA PHE A 585 15.13 -8.84 15.06
C PHE A 585 13.71 -8.52 15.56
N ALA A 586 13.18 -9.36 16.43
CA ALA A 586 11.88 -9.15 17.05
C ALA A 586 11.97 -9.35 18.57
N GLN A 587 11.32 -8.47 19.32
CA GLN A 587 11.49 -8.37 20.77
C GLN A 587 10.13 -8.18 21.43
N PRO A 588 9.41 -9.31 21.63
CA PRO A 588 8.08 -9.20 22.18
C PRO A 588 8.04 -8.65 23.59
N GLU A 589 6.94 -7.99 23.91
CA GLU A 589 6.75 -7.36 25.18
C GLU A 589 6.25 -8.35 26.23
N GLY A 590 6.14 -9.63 25.86
CA GLY A 590 5.87 -10.69 26.82
C GLY A 590 6.24 -12.02 26.20
N SER A 591 5.91 -13.07 26.94
CA SER A 591 6.25 -14.41 26.54
C SER A 591 5.37 -14.88 25.36
N LEU A 592 6.00 -15.39 24.30
CA LEU A 592 5.29 -15.97 23.18
C LEU A 592 5.74 -17.41 22.94
N SER A 593 4.86 -18.18 22.35
CA SER A 593 5.18 -19.53 21.87
C SER A 593 4.92 -19.62 20.35
N ASN A 594 5.50 -20.64 19.73
CA ASN A 594 5.30 -20.90 18.31
C ASN A 594 5.54 -19.64 17.48
N VAL A 595 6.71 -19.04 17.68
CA VAL A 595 7.13 -17.88 16.92
C VAL A 595 7.72 -18.36 15.59
N SER A 596 7.31 -17.73 14.50
CA SER A 596 7.86 -18.04 13.17
C SER A 596 7.87 -16.84 12.23
N ALA A 597 8.74 -16.92 11.24
CA ALA A 597 8.74 -16.00 10.08
C ALA A 597 8.93 -16.84 8.83
N ASN A 598 8.08 -16.67 7.81
CA ASN A 598 8.22 -17.41 6.55
C ASN A 598 8.24 -18.94 6.79
N GLY A 599 7.44 -19.41 7.76
CA GLY A 599 7.39 -20.82 8.13
C GLY A 599 8.55 -21.35 8.99
N ILE A 600 9.53 -20.53 9.33
CA ILE A 600 10.74 -20.98 10.06
C ILE A 600 10.52 -20.79 11.55
N VAL A 601 10.65 -21.87 12.31
CA VAL A 601 10.54 -21.85 13.77
C VAL A 601 11.68 -20.98 14.33
N LEU A 602 11.35 -19.94 15.11
CA LEU A 602 12.32 -19.08 15.73
C LEU A 602 12.32 -19.28 17.21
N SER A 603 13.51 -19.28 17.80
CA SER A 603 13.66 -19.57 19.21
C SER A 603 14.31 -18.36 19.91
N PRO A 604 13.92 -18.06 21.16
CA PRO A 604 14.40 -16.81 21.77
C PRO A 604 15.78 -16.88 22.44
N SER A 605 16.56 -15.81 22.27
CA SER A 605 17.82 -15.63 22.99
C SER A 605 17.71 -14.25 23.63
N ASP A 606 17.75 -14.20 24.95
CA ASP A 606 17.57 -12.93 25.69
C ASP A 606 16.23 -12.25 25.31
N GLY A 607 15.21 -13.08 25.07
CA GLY A 607 13.91 -12.62 24.69
C GLY A 607 13.83 -12.01 23.31
N VAL A 608 14.81 -12.28 22.45
CA VAL A 608 14.86 -11.72 21.12
C VAL A 608 14.85 -12.88 20.17
N TYR A 609 14.08 -12.74 19.10
CA TYR A 609 14.00 -13.73 18.02
C TYR A 609 14.65 -13.12 16.80
N THR A 610 15.46 -13.90 16.08
CA THR A 610 15.97 -13.43 14.80
C THR A 610 15.69 -14.42 13.71
N THR A 611 15.56 -13.91 12.48
CA THR A 611 15.48 -14.73 11.29
C THR A 611 16.40 -14.11 10.22
N THR A 612 17.00 -14.98 9.42
CA THR A 612 17.91 -14.57 8.37
C THR A 612 17.18 -14.66 7.05
N VAL A 613 17.21 -13.57 6.29
CA VAL A 613 16.51 -13.45 5.03
C VAL A 613 17.54 -13.16 3.95
N SER A 614 17.61 -14.01 2.95
CA SER A 614 18.58 -13.85 1.87
C SER A 614 18.04 -12.83 0.86
N THR A 615 18.85 -11.87 0.44
CA THR A 615 18.43 -10.92 -0.63
C THR A 615 19.27 -10.96 -1.87
N SER A 616 20.23 -11.90 -1.90
CA SER A 616 21.25 -11.87 -2.94
C SER A 616 20.68 -12.20 -4.33
N ALA A 617 19.58 -12.95 -4.39
CA ALA A 617 18.87 -13.19 -5.66
C ALA A 617 17.85 -12.06 -6.09
N ASP A 618 17.63 -11.07 -5.25
CA ASP A 618 16.65 -10.01 -5.54
C ASP A 618 17.24 -9.04 -6.53
N ALA A 619 16.40 -8.57 -7.45
CA ALA A 619 16.73 -7.45 -8.32
C ALA A 619 17.06 -6.17 -7.52
N PRO A 620 17.87 -5.24 -8.10
CA PRO A 620 18.04 -3.93 -7.46
C PRO A 620 16.70 -3.23 -7.18
N TYR A 621 16.60 -2.65 -6.00
CA TYR A 621 15.43 -1.92 -5.53
C TYR A 621 14.18 -2.76 -5.23
N THR A 622 14.35 -4.07 -5.07
CA THR A 622 13.28 -4.90 -4.62
C THR A 622 12.81 -4.46 -3.24
N GLU A 623 11.50 -4.35 -3.08
CA GLU A 623 10.91 -3.96 -1.80
C GLU A 623 10.50 -5.24 -1.09
N ARG A 624 11.16 -5.52 0.03
CA ARG A 624 10.91 -6.74 0.78
C ARG A 624 10.02 -6.44 1.98
N LYS A 625 9.26 -7.45 2.37
CA LYS A 625 8.43 -7.44 3.58
C LYS A 625 8.73 -8.73 4.32
N VAL A 626 8.88 -8.66 5.63
CA VAL A 626 9.05 -9.84 6.44
C VAL A 626 7.98 -9.77 7.50
N GLN A 627 7.26 -10.87 7.68
CA GLN A 627 6.21 -10.93 8.69
C GLN A 627 6.57 -11.96 9.76
N ILE A 628 6.42 -11.57 11.02
CA ILE A 628 6.71 -12.43 12.16
C ILE A 628 5.44 -12.57 12.99
N LYS A 629 5.21 -13.77 13.48
CA LYS A 629 4.03 -14.03 14.30
C LYS A 629 4.41 -14.90 15.51
N GLY A 630 3.63 -14.80 16.58
CA GLY A 630 3.72 -15.72 17.73
C GLY A 630 2.42 -15.75 18.53
N THR A 631 2.32 -16.66 19.49
CA THR A 631 1.13 -16.81 20.31
C THR A 631 1.43 -16.39 21.75
N ASP A 632 0.61 -15.47 22.28
CA ASP A 632 0.80 -14.98 23.66
C ASP A 632 0.06 -15.87 24.67
N ASP A 633 0.30 -15.58 25.95
CA ASP A 633 -0.27 -16.34 27.08
C ASP A 633 -1.79 -16.35 27.12
N SER A 634 -2.45 -15.35 26.52
CA SER A 634 -3.91 -15.35 26.38
C SER A 634 -4.42 -16.07 25.14
N GLY A 635 -3.54 -16.65 24.32
CA GLY A 635 -4.00 -17.37 23.15
C GLY A 635 -4.13 -16.51 21.89
N PHE A 636 -3.72 -15.25 21.93
CA PHE A 636 -3.76 -14.39 20.73
C PHE A 636 -2.58 -14.72 19.84
N THR A 637 -2.81 -14.78 18.53
CA THR A 637 -1.71 -14.74 17.58
C THR A 637 -1.44 -13.30 17.18
N THR A 638 -0.25 -12.84 17.55
CA THR A 638 0.21 -11.48 17.35
C THR A 638 1.20 -11.45 16.17
N TYR A 639 1.02 -10.47 15.28
CA TYR A 639 1.76 -10.33 14.04
C TYR A 639 2.45 -8.97 13.95
N SER A 640 3.56 -8.95 13.22
CA SER A 640 4.25 -7.72 12.85
C SER A 640 4.92 -7.84 11.49
N ASN A 641 4.97 -6.71 10.78
CA ASN A 641 5.71 -6.57 9.55
C ASN A 641 6.86 -5.58 9.70
N THR A 642 7.92 -5.86 8.95
CA THR A 642 8.89 -4.85 8.60
C THR A 642 9.08 -4.79 7.07
N HIS A 643 9.64 -3.69 6.62
CA HIS A 643 9.81 -3.41 5.20
C HIS A 643 11.23 -2.88 4.98
N PHE A 644 11.83 -3.20 3.85
CA PHE A 644 13.14 -2.64 3.50
C PHE A 644 13.43 -2.86 2.03
N THR A 645 14.34 -2.05 1.50
CA THR A 645 14.72 -2.12 0.09
C THR A 645 16.06 -2.80 -0.11
N VAL A 646 16.13 -3.67 -1.11
CA VAL A 646 17.40 -4.26 -1.50
C VAL A 646 18.16 -3.27 -2.38
N ALA A 647 19.35 -2.88 -1.89
CA ALA A 647 20.18 -1.92 -2.61
C ALA A 647 20.68 -2.53 -3.91
N PRO A 648 20.85 -1.69 -4.94
CA PRO A 648 21.71 -2.16 -6.03
C PRO A 648 23.12 -2.49 -5.57
N ALA A 649 23.79 -3.33 -6.33
CA ALA A 649 25.22 -3.62 -6.11
C ALA A 649 25.99 -2.31 -6.19
N LEU A 650 27.06 -2.21 -5.39
CA LEU A 650 27.97 -1.07 -5.55
C LEU A 650 28.44 -1.06 -7.01
N PRO A 651 28.40 0.10 -7.67
CA PRO A 651 28.92 0.19 -9.04
C PRO A 651 30.38 -0.16 -9.12
N ASP A 652 30.72 -1.15 -9.96
CA ASP A 652 32.06 -1.59 -10.19
C ASP A 652 32.06 -2.37 -11.51
N PRO A 653 33.26 -2.68 -12.04
CA PRO A 653 33.33 -3.29 -13.38
C PRO A 653 32.62 -4.65 -13.54
N SER A 654 32.50 -5.42 -12.43
CA SER A 654 31.85 -6.74 -12.46
CA SER A 654 31.85 -6.73 -12.48
C SER A 654 30.35 -6.67 -12.14
N HIS A 655 29.84 -5.49 -11.81
CA HIS A 655 28.43 -5.32 -11.48
C HIS A 655 27.81 -4.25 -12.32
N PRO A 656 27.70 -4.51 -13.63
CA PRO A 656 26.97 -3.58 -14.48
C PRO A 656 25.51 -3.45 -14.00
N LEU A 657 24.92 -2.29 -14.26
CA LEU A 657 23.54 -2.04 -13.92
C LEU A 657 22.71 -2.23 -15.18
N LEU A 658 22.03 -3.36 -15.26
CA LEU A 658 21.20 -3.68 -16.41
C LEU A 658 20.00 -2.72 -16.41
N PHE A 659 19.84 -2.02 -17.51
CA PHE A 659 18.69 -1.17 -17.71
C PHE A 659 17.54 -1.95 -18.36
N ASP A 660 17.81 -2.61 -19.48
CA ASP A 660 16.81 -3.47 -20.15
C ASP A 660 17.54 -4.55 -20.95
N ASP A 661 17.17 -5.81 -20.74
CA ASP A 661 17.63 -6.90 -21.62
C ASP A 661 16.53 -7.33 -22.62
N PHE A 662 15.41 -6.62 -22.61
CA PHE A 662 14.26 -6.92 -23.45
C PHE A 662 13.70 -8.32 -23.20
N ASN A 663 13.93 -8.85 -21.99
CA ASN A 663 13.32 -10.08 -21.49
C ASN A 663 12.74 -9.79 -20.10
N GLN A 664 12.28 -8.55 -19.90
CA GLN A 664 11.69 -8.06 -18.66
C GLN A 664 12.64 -8.16 -17.46
N LYS A 665 13.91 -7.85 -17.67
CA LYS A 665 14.88 -7.70 -16.61
C LYS A 665 15.63 -6.40 -16.81
N GLY A 666 16.13 -5.87 -15.68
CA GLY A 666 16.80 -4.58 -15.62
C GLY A 666 15.96 -3.58 -14.86
N ILE A 667 16.58 -2.48 -14.43
CA ILE A 667 15.86 -1.46 -13.65
C ILE A 667 14.64 -0.86 -14.40
N TRP A 668 14.74 -0.75 -15.73
CA TRP A 668 13.56 -0.44 -16.57
C TRP A 668 12.83 -1.73 -16.98
N GLY A 669 13.57 -2.69 -17.51
CA GLY A 669 12.96 -3.92 -18.06
C GLY A 669 12.00 -4.63 -17.12
N SER A 670 12.40 -4.73 -15.85
CA SER A 670 11.61 -5.44 -14.81
C SER A 670 10.28 -4.77 -14.46
N GLN A 671 10.08 -3.51 -14.85
CA GLN A 671 8.79 -2.85 -14.67
C GLN A 671 7.71 -3.41 -15.59
N LYS A 672 8.04 -4.38 -16.46
CA LYS A 672 7.07 -5.02 -17.38
C LYS A 672 6.20 -4.03 -18.18
N LEU A 673 6.82 -2.92 -18.59
CA LEU A 673 6.20 -1.91 -19.43
C LEU A 673 6.99 -1.81 -20.73
N ASP A 674 6.29 -1.63 -21.85
CA ASP A 674 6.93 -1.44 -23.14
C ASP A 674 7.52 -0.05 -23.28
N TRP A 675 8.56 0.04 -24.08
CA TRP A 675 8.99 1.34 -24.59
C TRP A 675 7.83 1.89 -25.42
N VAL A 676 7.76 3.21 -25.46
CA VAL A 676 6.57 3.93 -25.88
C VAL A 676 6.98 5.04 -26.87
N ASN A 677 6.18 5.26 -27.93
CA ASN A 677 6.34 6.41 -28.86
C ASN A 677 5.22 7.41 -28.58
N TRP A 678 5.57 8.49 -27.88
CA TRP A 678 4.62 9.54 -27.49
C TRP A 678 4.84 10.86 -28.22
N TYR A 679 5.90 10.96 -28.99
CA TYR A 679 6.22 12.20 -29.69
C TYR A 679 6.83 11.85 -31.06
N ASN A 680 6.31 12.49 -32.11
CA ASN A 680 6.85 12.45 -33.45
C ASN A 680 7.05 13.88 -33.94
N GLN A 681 8.25 14.19 -34.43
CA GLN A 681 8.80 15.58 -34.42
C GLN A 681 8.40 16.45 -35.58
N ASN A 682 8.02 15.83 -36.70
CA ASN A 682 7.19 16.53 -37.69
C ASN A 682 5.89 15.75 -37.80
N GLY A 683 5.88 14.76 -38.68
CA GLY A 683 4.74 13.88 -38.79
C GLY A 683 5.18 12.59 -39.38
N GLY A 684 5.33 11.59 -38.53
CA GLY A 684 5.35 10.20 -38.95
C GLY A 684 4.83 9.38 -37.78
N THR A 685 4.82 8.06 -37.93
CA THR A 685 4.43 7.17 -36.83
C THR A 685 5.53 6.16 -36.53
N ALA A 686 5.44 5.57 -35.34
CA ALA A 686 6.41 4.61 -34.90
C ALA A 686 5.82 3.57 -33.95
N SER A 687 6.49 2.43 -33.87
CA SER A 687 6.05 1.34 -33.01
C SER A 687 7.20 0.55 -32.41
N TYR A 688 6.91 0.00 -31.23
CA TYR A 688 7.86 -0.78 -30.48
C TYR A 688 7.28 -2.16 -30.22
N THR A 689 8.12 -3.18 -30.37
CA THR A 689 7.74 -4.58 -30.11
C THR A 689 8.87 -5.35 -29.45
N ARG A 690 8.52 -6.12 -28.42
CA ARG A 690 9.45 -7.09 -27.81
CA ARG A 690 9.44 -7.07 -27.80
C ARG A 690 9.37 -8.38 -28.59
N THR A 691 10.48 -8.77 -29.21
CA THR A 691 10.54 -9.97 -30.07
C THR A 691 11.85 -10.76 -29.85
N THR A 692 12.04 -11.81 -30.65
CA THR A 692 13.28 -12.57 -30.67
C THR A 692 13.83 -12.50 -32.09
N VAL A 693 15.07 -12.03 -32.22
CA VAL A 693 15.82 -12.05 -33.49
C VAL A 693 17.14 -12.75 -33.20
N ASP A 694 17.58 -13.61 -34.13
CA ASP A 694 18.84 -14.36 -33.99
C ASP A 694 18.97 -15.12 -32.65
N THR A 695 17.85 -15.65 -32.13
CA THR A 695 17.79 -16.30 -30.80
C THR A 695 17.84 -15.28 -29.63
N ARG A 696 18.07 -14.00 -29.93
CA ARG A 696 18.23 -12.98 -28.89
C ARG A 696 16.90 -12.33 -28.63
N THR A 697 16.57 -12.14 -27.34
CA THR A 697 15.41 -11.32 -27.01
C THR A 697 15.77 -9.85 -27.19
N VAL A 698 14.94 -9.10 -27.93
CA VAL A 698 15.30 -7.75 -28.33
C VAL A 698 14.10 -6.84 -28.37
N GLY A 699 14.39 -5.54 -28.38
CA GLY A 699 13.42 -4.52 -28.66
C GLY A 699 13.51 -4.15 -30.14
N LYS A 700 12.39 -4.29 -30.85
CA LYS A 700 12.28 -3.90 -32.26
C LYS A 700 11.62 -2.52 -32.33
N PHE A 701 12.40 -1.51 -32.68
CA PHE A 701 11.90 -0.15 -32.81
C PHE A 701 11.65 0.07 -34.29
N ALA A 702 10.39 0.18 -34.69
CA ALA A 702 10.01 0.40 -36.11
C ALA A 702 9.54 1.85 -36.36
N HIS A 703 9.89 2.42 -37.52
CA HIS A 703 9.63 3.83 -37.83
C HIS A 703 9.04 3.95 -39.24
N THR A 704 7.93 4.68 -39.36
CA THR A 704 7.28 5.01 -40.66
C THR A 704 7.24 6.54 -40.78
N PRO A 705 8.29 7.13 -41.39
CA PRO A 705 8.25 8.59 -41.58
C PRO A 705 7.14 8.93 -42.54
N ALA A 706 6.53 10.10 -42.37
CA ALA A 706 5.71 10.67 -43.44
C ALA A 706 6.54 11.63 -44.27
N ALA A 707 7.77 11.90 -43.84
CA ALA A 707 8.68 12.73 -44.61
C ALA A 707 10.13 12.47 -44.20
N THR A 708 11.02 12.95 -45.05
CA THR A 708 12.47 13.13 -44.77
C THR A 708 12.78 13.66 -43.35
N THR A 709 12.05 14.70 -42.94
CA THR A 709 12.27 15.39 -41.67
C THR A 709 11.64 14.72 -40.43
N SER A 710 10.86 13.65 -40.61
CA SER A 710 10.15 13.00 -39.51
C SER A 710 11.16 12.37 -38.53
N LYS A 711 10.90 12.52 -37.23
CA LYS A 711 11.76 11.93 -36.18
C LYS A 711 10.89 11.36 -35.06
N ALA A 712 10.99 10.05 -34.85
CA ALA A 712 10.21 9.34 -33.84
C ALA A 712 10.99 9.13 -32.53
N LYS A 713 10.46 9.73 -31.45
CA LYS A 713 10.99 9.58 -30.10
C LYS A 713 10.43 8.33 -29.41
N PHE A 714 11.32 7.46 -28.95
CA PHE A 714 10.99 6.34 -28.07
C PHE A 714 11.57 6.57 -26.65
N GLN A 715 10.85 6.14 -25.63
CA GLN A 715 11.30 6.37 -24.25
C GLN A 715 10.72 5.30 -23.32
N PRO A 716 11.38 5.08 -22.16
CA PRO A 716 10.94 4.09 -21.19
C PRO A 716 9.87 4.71 -20.27
N TRP A 717 8.69 4.97 -20.85
CA TRP A 717 7.68 5.84 -20.23
C TRP A 717 8.37 7.11 -19.69
N LYS A 718 8.18 7.49 -18.43
CA LYS A 718 8.91 8.61 -17.82
C LYS A 718 9.97 8.15 -16.82
N TYR A 719 10.43 6.91 -16.93
CA TYR A 719 11.34 6.34 -15.94
C TYR A 719 12.73 6.98 -15.97
N ASN A 720 13.11 7.63 -14.86
CA ASN A 720 14.44 8.21 -14.69
C ASN A 720 15.32 7.22 -13.98
N ALA A 721 16.48 6.93 -14.55
CA ALA A 721 17.44 6.02 -13.93
C ALA A 721 18.46 6.78 -13.08
N ASN A 722 18.84 6.17 -11.97
CA ASN A 722 19.95 6.62 -11.16
C ASN A 722 21.22 5.90 -11.64
N LEU A 723 22.03 6.66 -12.37
CA LEU A 723 23.27 6.17 -12.91
C LEU A 723 24.53 6.61 -12.15
N ASN A 724 24.37 7.14 -10.95
CA ASN A 724 25.52 7.59 -10.16
C ASN A 724 26.50 6.45 -9.96
N GLY A 725 27.78 6.72 -10.18
CA GLY A 725 28.81 5.72 -9.99
C GLY A 725 29.15 4.91 -11.23
N TYR A 726 28.37 5.04 -12.31
CA TYR A 726 28.70 4.42 -13.60
C TYR A 726 29.14 5.46 -14.63
N ARG A 727 30.19 5.14 -15.35
CA ARG A 727 30.76 6.09 -16.26
C ARG A 727 30.13 5.96 -17.65
N TYR A 728 29.75 4.73 -18.03
CA TYR A 728 29.37 4.43 -19.39
C TYR A 728 27.96 3.86 -19.47
N LEU A 729 27.29 4.15 -20.60
CA LEU A 729 26.07 3.45 -21.00
C LEU A 729 26.39 2.66 -22.25
N ASN A 730 26.11 1.36 -22.21
CA ASN A 730 26.39 0.44 -23.30
C ASN A 730 25.06 0.08 -23.97
N PHE A 731 24.99 0.18 -25.30
CA PHE A 731 23.86 -0.29 -26.09
C PHE A 731 24.36 -1.36 -27.05
N THR A 732 23.72 -2.54 -27.04
CA THR A 732 24.03 -3.64 -27.97
C THR A 732 22.87 -3.67 -28.97
N MET A 733 23.19 -3.37 -30.22
CA MET A 733 22.21 -3.03 -31.26
C MET A 733 22.56 -3.64 -32.62
N LYS A 734 21.55 -3.67 -33.49
CA LYS A 734 21.70 -4.07 -34.88
C LYS A 734 20.66 -3.34 -35.73
N ASN A 735 21.10 -2.87 -36.90
CA ASN A 735 20.19 -2.39 -37.95
C ASN A 735 19.99 -3.61 -38.86
N PRO A 736 18.78 -4.20 -38.85
CA PRO A 736 18.55 -5.44 -39.58
C PRO A 736 18.23 -5.25 -41.07
N GLY A 737 18.96 -4.37 -41.76
CA GLY A 737 18.79 -4.18 -43.20
C GLY A 737 17.97 -2.95 -43.60
N TYR A 738 18.07 -1.90 -42.80
CA TYR A 738 17.49 -0.60 -43.16
C TYR A 738 18.58 0.45 -43.08
N PRO A 739 19.58 0.38 -43.97
CA PRO A 739 20.75 1.28 -43.88
C PRO A 739 20.45 2.78 -43.76
N ASN A 740 19.36 3.25 -44.36
CA ASN A 740 19.01 4.68 -44.32
C ASN A 740 18.38 5.14 -43.00
N THR A 741 17.94 4.19 -42.18
CA THR A 741 17.39 4.50 -40.88
C THR A 741 18.53 4.73 -39.88
N LYS A 742 18.47 5.91 -39.25
CA LYS A 742 19.44 6.36 -38.27
C LYS A 742 18.84 6.40 -36.87
N ILE A 743 19.73 6.38 -35.88
CA ILE A 743 19.37 6.38 -34.45
C ILE A 743 20.07 7.56 -33.79
N ARG A 744 19.35 8.25 -32.91
CA ARG A 744 19.99 9.19 -31.98
C ARG A 744 19.62 8.74 -30.56
N ILE A 745 20.60 8.74 -29.66
CA ILE A 745 20.38 8.35 -28.26
C ILE A 745 20.65 9.58 -27.41
N ALA A 746 19.65 10.03 -26.65
CA ALA A 746 19.84 11.17 -25.76
C ALA A 746 19.66 10.78 -24.29
N ALA A 747 20.37 11.49 -23.42
CA ALA A 747 20.22 11.37 -21.97
C ALA A 747 19.66 12.70 -21.50
N ASN A 748 18.49 12.64 -20.87
CA ASN A 748 17.75 13.83 -20.49
C ASN A 748 17.50 13.78 -18.98
N ASP A 749 18.08 14.73 -18.25
CA ASP A 749 17.98 14.78 -16.78
C ASP A 749 16.89 15.70 -16.22
N GLY A 750 15.97 16.15 -17.08
CA GLY A 750 14.97 17.15 -16.70
C GLY A 750 15.45 18.60 -16.65
N THR A 751 16.73 18.84 -16.94
CA THR A 751 17.28 20.20 -17.05
C THR A 751 17.93 20.44 -18.42
N LYS A 752 18.69 19.45 -18.91
CA LYS A 752 19.17 19.45 -20.28
C LYS A 752 19.05 18.04 -20.85
N SER A 753 18.90 18.00 -22.17
CA SER A 753 19.07 16.79 -22.95
C SER A 753 20.46 16.85 -23.58
N VAL A 754 21.12 15.69 -23.62
CA VAL A 754 22.49 15.57 -24.06
C VAL A 754 22.50 14.40 -25.03
N ASN A 755 23.13 14.56 -26.19
CA ASN A 755 23.27 13.44 -27.15
C ASN A 755 24.46 12.53 -26.83
N LEU A 756 24.18 11.25 -26.64
CA LEU A 756 25.23 10.27 -26.43
C LEU A 756 25.84 9.89 -27.78
N THR A 757 24.99 9.71 -28.78
CA THR A 757 25.44 9.56 -30.16
C THR A 757 25.86 10.97 -30.64
N SER A 758 26.71 11.07 -31.67
CA SER A 758 27.01 12.39 -32.28
C SER A 758 25.90 12.74 -33.30
N GLY A 759 24.83 13.31 -32.78
CA GLY A 759 23.60 13.54 -33.55
C GLY A 759 22.97 12.21 -33.93
N GLU A 760 22.43 12.18 -35.13
CA GLU A 760 21.82 10.98 -35.69
C GLU A 760 22.92 10.20 -36.38
N VAL A 761 23.06 8.92 -36.05
CA VAL A 761 24.15 8.09 -36.60
C VAL A 761 23.64 6.80 -37.23
N ALA A 762 24.43 6.24 -38.14
CA ALA A 762 24.22 4.90 -38.65
C ALA A 762 24.82 3.94 -37.62
N ILE A 763 24.27 2.74 -37.54
CA ILE A 763 24.89 1.67 -36.80
C ILE A 763 25.07 0.48 -37.75
N SER A 764 25.90 -0.45 -37.30
CA SER A 764 26.25 -1.61 -38.11
C SER A 764 25.05 -2.56 -38.27
N SER A 765 25.07 -3.32 -39.37
CA SER A 765 24.15 -4.44 -39.56
C SER A 765 24.57 -5.71 -38.79
N THR A 766 25.77 -5.70 -38.19
CA THR A 766 26.21 -6.74 -37.25
C THR A 766 25.88 -6.31 -35.81
N TRP A 767 25.50 -7.27 -34.98
CA TRP A 767 25.37 -7.03 -33.54
C TRP A 767 26.65 -6.37 -33.01
N THR A 768 26.49 -5.17 -32.46
CA THR A 768 27.59 -4.33 -31.98
C THR A 768 27.21 -3.67 -30.63
N THR A 769 28.16 -3.65 -29.69
CA THR A 769 28.00 -2.93 -28.43
C THR A 769 28.62 -1.54 -28.54
N TYR A 770 27.79 -0.50 -28.39
CA TYR A 770 28.26 0.89 -28.44
C TYR A 770 28.35 1.42 -27.03
N GLN A 771 29.51 1.97 -26.69
CA GLN A 771 29.79 2.50 -25.36
C GLN A 771 29.87 4.03 -25.41
N TYR A 772 29.04 4.70 -24.61
CA TYR A 772 28.99 6.15 -24.56
C TYR A 772 29.48 6.61 -23.19
N ASP A 773 30.43 7.55 -23.21
CA ASP A 773 31.09 8.09 -22.01
C ASP A 773 30.26 9.21 -21.36
N LEU A 774 29.71 8.97 -20.18
CA LEU A 774 28.91 10.03 -19.51
C LEU A 774 29.75 11.19 -18.97
N ASN A 775 31.03 10.96 -18.73
CA ASN A 775 31.97 12.05 -18.35
C ASN A 775 32.16 13.13 -19.38
N LEU A 776 31.83 12.87 -20.65
CA LEU A 776 31.82 13.92 -21.68
C LEU A 776 30.75 14.99 -21.43
N HIS A 777 29.79 14.69 -20.55
CA HIS A 777 28.70 15.59 -20.22
C HIS A 777 28.77 15.88 -18.70
N PRO A 778 29.76 16.69 -18.28
CA PRO A 778 30.08 16.78 -16.85
C PRO A 778 29.06 17.46 -15.94
N THR A 779 28.08 18.18 -16.50
CA THR A 779 26.99 18.75 -15.69
C THR A 779 25.70 17.94 -15.80
N LEU A 780 25.74 16.78 -16.43
CA LEU A 780 24.59 15.88 -16.46
C LEU A 780 24.30 15.43 -15.02
N ASN A 781 23.04 15.50 -14.62
CA ASN A 781 22.65 14.99 -13.30
C ASN A 781 22.35 13.50 -13.45
N LYS A 782 23.34 12.69 -13.10
CA LYS A 782 23.31 11.25 -13.30
C LYS A 782 22.32 10.53 -12.39
N SER A 783 21.83 11.19 -11.37
CA SER A 783 20.84 10.60 -10.50
C SER A 783 19.44 10.54 -11.14
N ASN A 784 19.24 11.21 -12.29
CA ASN A 784 17.89 11.38 -12.85
C ASN A 784 17.92 11.37 -14.38
N VAL A 785 18.17 10.22 -14.98
CA VAL A 785 18.39 10.16 -16.43
C VAL A 785 17.27 9.42 -17.18
N LEU A 786 16.57 10.15 -18.05
CA LEU A 786 15.66 9.52 -19.04
C LEU A 786 16.45 9.24 -20.33
N ILE A 787 16.55 7.96 -20.69
CA ILE A 787 17.21 7.54 -21.94
C ILE A 787 16.18 7.65 -23.08
N GLU A 788 16.51 8.40 -24.13
CA GLU A 788 15.65 8.52 -25.33
C GLU A 788 16.30 7.87 -26.54
N VAL A 789 15.50 7.11 -27.29
CA VAL A 789 15.90 6.46 -28.53
C VAL A 789 15.11 7.11 -29.65
N TRP A 790 15.80 7.86 -30.53
CA TRP A 790 15.14 8.58 -31.64
C TRP A 790 15.48 7.97 -32.98
N LEU A 791 14.46 7.75 -33.82
CA LEU A 791 14.65 7.19 -35.14
C LEU A 791 14.30 8.20 -36.21
N SER A 792 15.02 8.08 -37.35
CA SER A 792 14.83 8.94 -38.53
C SER A 792 15.34 8.23 -39.81
N ASN A 793 14.90 8.76 -40.95
CA ASN A 793 15.48 8.43 -42.25
C ASN A 793 15.56 9.73 -43.03
N PRO A 794 16.62 10.53 -42.80
CA PRO A 794 16.72 11.85 -43.43
C PRO A 794 17.00 11.85 -44.94
N THR A 795 17.58 10.76 -45.48
CA THR A 795 17.89 10.66 -46.92
C THR A 795 16.68 10.22 -47.74
N ALA A 796 15.90 9.24 -47.27
CA ALA A 796 14.74 8.73 -48.03
C ALA A 796 13.35 8.93 -47.39
N GLY A 797 13.28 9.15 -46.08
CA GLY A 797 11.99 9.20 -45.38
C GLY A 797 11.18 7.91 -45.49
N ALA A 798 11.86 6.77 -45.49
CA ALA A 798 11.21 5.47 -45.65
C ALA A 798 11.24 4.65 -44.36
N TYR A 799 10.40 3.62 -44.35
CA TYR A 799 10.27 2.70 -43.21
C TYR A 799 11.59 2.06 -42.83
N GLY A 800 11.92 2.07 -41.54
CA GLY A 800 13.07 1.29 -41.07
C GLY A 800 12.90 0.78 -39.65
N GLU A 801 13.88 -0.04 -39.23
CA GLU A 801 13.90 -0.68 -37.93
C GLU A 801 15.30 -0.59 -37.33
N ILE A 802 15.33 -0.55 -36.00
CA ILE A 802 16.55 -0.73 -35.21
C ILE A 802 16.19 -1.76 -34.13
N LEU A 803 17.09 -2.72 -33.91
CA LEU A 803 16.96 -3.72 -32.85
C LEU A 803 17.95 -3.42 -31.73
N ILE A 804 17.48 -3.54 -30.49
CA ILE A 804 18.32 -3.38 -29.30
C ILE A 804 18.19 -4.64 -28.46
N ASP A 805 19.35 -5.22 -28.19
CA ASP A 805 19.48 -6.46 -27.46
C ASP A 805 19.62 -6.15 -25.94
N GLU A 806 20.39 -5.11 -25.60
CA GLU A 806 20.69 -4.76 -24.19
C GLU A 806 21.08 -3.31 -24.03
N ILE A 807 20.66 -2.76 -22.89
CA ILE A 807 21.17 -1.48 -22.38
C ILE A 807 21.64 -1.70 -20.94
N SER A 808 22.88 -1.31 -20.64
CA SER A 808 23.45 -1.36 -19.26
C SER A 808 24.32 -0.17 -18.99
N ALA A 809 24.36 0.27 -17.74
CA ALA A 809 25.37 1.20 -17.28
C ALA A 809 26.52 0.33 -16.76
N VAL A 810 27.73 0.75 -17.07
CA VAL A 810 28.95 -0.07 -16.96
C VAL A 810 30.13 0.79 -16.48
N ASN A 811 31.05 0.18 -15.72
CA ASN A 811 32.39 0.72 -15.49
C ASN A 811 33.46 -0.21 -16.07
N THR A 812 34.59 0.36 -16.47
CA THR A 812 35.73 -0.41 -16.89
CA THR A 812 35.76 -0.41 -16.88
C THR A 812 36.78 -0.44 -15.76
N ASN A 813 37.66 -1.43 -15.83
CA ASN A 813 38.76 -1.55 -14.90
C ASN A 813 39.88 -0.60 -15.16
N SER A 814 40.34 0.03 -14.09
CA SER A 814 41.58 0.78 -14.09
C SER A 814 42.07 0.84 -12.66
N GLY A 815 43.38 0.79 -12.50
CA GLY A 815 44.02 1.03 -11.22
C GLY A 815 44.00 -0.20 -10.35
N THR A 816 44.32 -0.01 -9.07
N THR A 816 44.34 0.01 -9.07
CA THR A 816 44.34 -1.12 -8.10
CA THR A 816 44.38 -1.04 -8.06
C THR A 816 43.25 -0.85 -7.07
C THR A 816 43.19 -0.84 -7.13
N ALA A 817 42.69 -1.93 -6.54
CA ALA A 817 41.59 -1.85 -5.61
C ALA A 817 42.02 -1.15 -4.33
N PRO A 818 41.11 -0.36 -3.73
CA PRO A 818 41.44 0.17 -2.42
C PRO A 818 41.45 -0.94 -1.36
N THR A 819 41.85 -0.57 -0.15
CA THR A 819 41.84 -1.49 0.97
C THR A 819 41.05 -0.90 2.14
N LEU A 820 40.53 -1.79 2.98
CA LEU A 820 39.90 -1.41 4.22
C LEU A 820 40.74 -2.03 5.33
N SER A 821 41.11 -1.21 6.29
CA SER A 821 41.92 -1.68 7.45
C SER A 821 41.46 -0.97 8.72
N ALA A 822 41.99 -1.46 9.85
CA ALA A 822 41.73 -0.89 11.19
C ALA A 822 40.23 -0.76 11.43
N THR A 823 39.49 -1.83 11.10
CA THR A 823 38.05 -1.84 11.15
C THR A 823 37.55 -2.45 12.43
N GLY A 824 36.46 -1.91 12.94
CA GLY A 824 35.88 -2.48 14.14
C GLY A 824 34.78 -1.60 14.69
N VAL A 825 34.30 -2.00 15.87
CA VAL A 825 33.32 -1.23 16.62
C VAL A 825 33.96 -0.96 18.00
N ASN A 826 33.68 0.21 18.57
CA ASN A 826 34.44 0.68 19.72
C ASN A 826 34.05 0.01 21.05
N ALA A 827 32.92 -0.70 21.06
CA ALA A 827 32.57 -1.54 22.21
C ALA A 827 31.86 -2.81 21.77
N SER A 828 32.07 -3.90 22.48
CA SER A 828 31.51 -5.21 22.10
C SER A 828 30.22 -5.52 22.85
N ILE A 829 29.91 -4.69 23.83
CA ILE A 829 28.78 -4.87 24.71
C ILE A 829 28.28 -3.47 25.08
N GLY A 830 26.98 -3.31 25.19
CA GLY A 830 26.40 -2.10 25.75
C GLY A 830 24.93 -2.33 26.02
N ASN A 831 24.21 -1.25 26.31
CA ASN A 831 22.76 -1.32 26.51
C ASN A 831 22.02 -0.53 25.42
N GLN A 832 20.72 -0.35 25.55
CA GLN A 832 19.95 0.37 24.53
C GLN A 832 20.31 1.87 24.35
N SER A 833 20.97 2.48 25.34
CA SER A 833 21.41 3.88 25.23
C SER A 833 22.85 4.03 24.74
N THR A 834 23.58 2.93 24.60
CA THR A 834 25.00 2.98 24.24
C THR A 834 25.13 3.41 22.78
N VAL A 835 25.93 4.42 22.50
CA VAL A 835 26.26 4.81 21.13
C VAL A 835 27.46 4.00 20.73
N PHE A 836 27.29 3.14 19.71
CA PHE A 836 28.38 2.35 19.18
C PHE A 836 28.93 3.08 17.97
N THR A 837 30.27 3.21 17.91
CA THR A 837 30.94 3.84 16.77
C THR A 837 31.72 2.80 16.04
N TYR A 838 31.43 2.68 14.75
CA TYR A 838 32.16 1.80 13.84
C TYR A 838 33.22 2.63 13.13
N THR A 839 34.40 2.04 12.91
CA THR A 839 35.46 2.73 12.18
CA THR A 839 35.52 2.70 12.23
C THR A 839 36.08 1.82 11.12
N ALA A 840 36.56 2.48 10.06
CA ALA A 840 37.26 1.82 8.99
C ALA A 840 38.17 2.84 8.34
N THR A 841 39.36 2.40 7.95
CA THR A 841 40.33 3.22 7.23
C THR A 841 40.35 2.74 5.78
N TYR A 842 40.06 3.66 4.88
CA TYR A 842 40.07 3.44 3.45
C TYR A 842 41.41 3.96 2.94
N THR A 843 42.13 3.10 2.20
CA THR A 843 43.40 3.45 1.61
C THR A 843 43.29 3.09 0.15
N ASP A 844 43.66 4.02 -0.72
CA ASP A 844 43.84 3.71 -2.12
C ASP A 844 45.22 4.20 -2.56
N ALA A 845 46.02 3.26 -3.09
CA ALA A 845 47.43 3.48 -3.44
C ALA A 845 47.68 4.58 -4.49
N ASN A 846 46.62 4.99 -5.19
CA ASN A 846 46.66 6.02 -6.23
C ASN A 846 45.72 7.23 -5.95
N ASN A 847 45.29 7.39 -4.68
CA ASN A 847 44.49 8.57 -4.21
C ASN A 847 43.09 8.69 -4.78
N GLN A 848 42.56 7.54 -5.20
CA GLN A 848 41.26 7.49 -5.74
C GLN A 848 40.27 7.47 -4.57
N ALA A 849 39.44 8.51 -4.51
CA ALA A 849 38.47 8.68 -3.46
C ALA A 849 37.39 7.58 -3.58
N PRO A 850 36.72 7.24 -2.44
CA PRO A 850 35.72 6.17 -2.50
C PRO A 850 34.44 6.71 -3.09
N PHE A 851 33.71 5.86 -3.79
CA PHE A 851 32.30 6.13 -4.12
C PHE A 851 31.49 6.21 -2.85
N ASP A 852 31.70 5.24 -1.96
CA ASP A 852 31.13 5.29 -0.64
C ASP A 852 31.91 4.30 0.23
N VAL A 853 31.95 4.58 1.52
CA VAL A 853 32.48 3.64 2.53
C VAL A 853 31.29 3.31 3.43
N GLN A 854 30.99 2.01 3.54
CA GLN A 854 29.78 1.56 4.23
C GLN A 854 30.06 0.51 5.27
N VAL A 855 29.29 0.58 6.34
CA VAL A 855 29.20 -0.48 7.32
C VAL A 855 27.82 -1.12 7.12
N VAL A 856 27.79 -2.45 7.19
CA VAL A 856 26.63 -3.25 6.92
C VAL A 856 26.33 -3.97 8.25
N ILE A 857 25.24 -3.57 8.88
CA ILE A 857 24.88 -4.01 10.24
C ILE A 857 23.67 -4.93 10.14
N ASP A 858 23.90 -6.23 10.37
CA ASP A 858 22.89 -7.29 10.15
C ASP A 858 22.26 -7.20 8.74
N GLY A 859 23.08 -6.82 7.75
CA GLY A 859 22.64 -6.62 6.38
C GLY A 859 22.13 -5.23 6.04
N VAL A 860 21.96 -4.35 7.03
CA VAL A 860 21.47 -2.99 6.80
C VAL A 860 22.68 -2.07 6.52
N ILE A 861 22.62 -1.43 5.37
CA ILE A 861 23.65 -0.51 4.87
C ILE A 861 23.57 0.85 5.53
N ARG A 862 24.71 1.36 6.01
CA ARG A 862 24.87 2.72 6.48
C ARG A 862 26.13 3.34 5.87
N SER A 863 25.98 4.51 5.27
CA SER A 863 27.10 5.25 4.71
C SER A 863 27.91 5.85 5.85
N MET A 864 29.23 5.66 5.79
CA MET A 864 30.09 6.18 6.84
C MET A 864 30.54 7.55 6.42
N THR A 865 30.85 8.38 7.39
CA THR A 865 31.32 9.75 7.14
C THR A 865 32.79 9.91 7.56
N ALA A 866 33.54 10.68 6.76
CA ALA A 866 34.95 10.95 7.05
C ALA A 866 35.14 11.52 8.46
N ALA A 867 35.98 10.90 9.27
CA ALA A 867 36.27 11.39 10.63
C ALA A 867 37.02 12.72 10.62
N ASP A 868 37.87 12.94 9.61
CA ASP A 868 38.63 14.18 9.48
C ASP A 868 38.29 14.92 8.18
N PRO A 869 37.41 15.96 8.25
CA PRO A 869 37.06 16.88 7.14
C PRO A 869 38.25 17.48 6.39
N THR A 870 39.33 17.78 7.09
CA THR A 870 40.50 18.42 6.46
C THR A 870 41.40 17.44 5.69
N ASP A 871 41.24 16.14 5.92
CA ASP A 871 42.08 15.16 5.28
C ASP A 871 41.67 15.04 3.80
N THR A 872 42.63 15.23 2.90
CA THR A 872 42.40 15.24 1.47
C THR A 872 42.99 14.02 0.78
N THR A 873 43.66 13.14 1.55
CA THR A 873 44.54 12.11 0.96
C THR A 873 44.09 10.71 1.37
N TYR A 874 44.17 9.78 0.41
CA TYR A 874 43.76 8.39 0.58
C TYR A 874 44.91 7.37 0.51
N SER A 875 46.09 7.75 -0.04
CA SER A 875 47.24 6.83 -0.13
C SER A 875 47.85 6.50 1.23
N ASP A 876 47.64 7.38 2.21
CA ASP A 876 48.10 7.15 3.60
C ASP A 876 46.96 6.77 4.55
N GLY A 877 45.81 6.40 4.00
CA GLY A 877 44.65 6.06 4.80
C GLY A 877 43.82 7.29 5.14
N ARG A 878 42.51 7.16 4.97
CA ARG A 878 41.54 8.12 5.47
C ARG A 878 40.49 7.38 6.33
N VAL A 879 40.23 7.91 7.53
CA VAL A 879 39.37 7.27 8.52
C VAL A 879 37.91 7.66 8.31
N TYR A 880 37.04 6.66 8.39
CA TYR A 880 35.58 6.84 8.28
C TYR A 880 34.93 6.25 9.52
N THR A 881 33.89 6.92 10.01
CA THR A 881 33.12 6.43 11.14
C THR A 881 31.62 6.53 10.89
N TYR A 882 30.90 5.76 11.70
CA TYR A 882 29.45 5.74 11.76
C TYR A 882 29.05 5.36 13.19
N ALA A 883 28.15 6.15 13.79
CA ALA A 883 27.72 5.98 15.18
C ALA A 883 26.22 5.72 15.23
N THR A 884 25.80 4.77 16.04
CA THR A 884 24.38 4.49 16.22
C THR A 884 24.13 3.74 17.52
N THR A 885 22.93 3.92 18.06
CA THR A 885 22.41 2.99 19.06
C THR A 885 21.83 1.78 18.30
N LEU A 886 21.63 0.68 19.03
CA LEU A 886 21.20 -0.58 18.45
C LEU A 886 20.19 -1.24 19.37
N PRO A 887 19.33 -2.07 18.80
CA PRO A 887 18.37 -2.77 19.62
C PRO A 887 18.97 -4.00 20.33
N VAL A 888 18.24 -4.47 21.33
CA VAL A 888 18.62 -5.63 22.14
C VAL A 888 18.87 -6.84 21.24
N GLY A 889 19.96 -7.57 21.55
CA GLY A 889 20.32 -8.80 20.85
C GLY A 889 21.82 -8.78 20.55
N THR A 890 22.28 -9.74 19.74
CA THR A 890 23.68 -9.83 19.33
C THR A 890 23.72 -9.60 17.83
N HIS A 891 24.44 -8.57 17.43
CA HIS A 891 24.52 -8.10 16.06
C HIS A 891 25.73 -8.64 15.33
N LYS A 892 25.87 -8.26 14.08
CA LYS A 892 27.08 -8.52 13.31
C LYS A 892 27.31 -7.39 12.32
N PHE A 893 28.50 -7.30 11.80
CA PHE A 893 28.85 -6.20 10.90
C PHE A 893 30.01 -6.55 10.00
N TYR A 894 30.04 -5.89 8.85
CA TYR A 894 31.23 -5.82 8.03
C TYR A 894 31.24 -4.47 7.30
N PHE A 895 32.36 -4.18 6.63
CA PHE A 895 32.51 -2.94 5.88
C PHE A 895 32.73 -3.22 4.43
N ARG A 896 32.36 -2.26 3.60
CA ARG A 896 32.61 -2.39 2.18
C ARG A 896 32.79 -1.03 1.54
N THR A 897 33.44 -1.03 0.39
CA THR A 897 33.67 0.19 -0.37
C THR A 897 33.92 -0.15 -1.83
N THR A 898 33.96 0.90 -2.65
CA THR A 898 34.52 0.75 -3.98
C THR A 898 34.97 2.13 -4.45
N ASP A 899 35.85 2.09 -5.44
CA ASP A 899 36.20 3.28 -6.23
C ASP A 899 35.57 3.28 -7.64
N THR A 900 34.76 2.27 -7.91
CA THR A 900 33.97 2.12 -9.15
CA THR A 900 33.95 2.06 -9.14
C THR A 900 34.69 1.48 -10.34
N THR A 901 36.01 1.56 -10.36
CA THR A 901 36.78 1.04 -11.48
C THR A 901 37.59 -0.20 -11.06
N THR A 902 37.33 -0.74 -9.87
CA THR A 902 37.82 -2.03 -9.46
C THR A 902 36.72 -2.73 -8.69
N ASN A 903 36.81 -4.04 -8.59
CA ASN A 903 35.75 -4.79 -7.95
C ASN A 903 35.63 -4.33 -6.49
N PHE A 904 34.41 -4.28 -5.98
CA PHE A 904 34.21 -3.78 -4.61
C PHE A 904 34.93 -4.67 -3.58
N VAL A 905 35.28 -4.05 -2.46
CA VAL A 905 36.16 -4.62 -1.48
C VAL A 905 35.37 -4.70 -0.19
N SER A 906 35.41 -5.87 0.45
CA SER A 906 34.67 -6.06 1.71
C SER A 906 35.51 -6.77 2.78
N THR A 907 35.21 -6.53 4.05
CA THR A 907 35.90 -7.21 5.15
C THR A 907 35.07 -8.41 5.56
N SER A 908 35.67 -9.32 6.31
CA SER A 908 34.92 -10.46 6.86
C SER A 908 33.98 -10.01 7.96
N VAL A 909 32.88 -10.72 8.09
CA VAL A 909 31.88 -10.43 9.07
C VAL A 909 32.50 -10.53 10.48
N GLN A 910 32.25 -9.54 11.32
CA GLN A 910 32.63 -9.55 12.72
C GLN A 910 31.34 -9.67 13.56
N THR A 911 31.41 -10.41 14.66
CA THR A 911 30.27 -10.53 15.57
C THR A 911 30.19 -9.34 16.51
N GLY A 912 28.98 -8.97 16.90
CA GLY A 912 28.75 -7.95 17.89
C GLY A 912 28.30 -6.62 17.29
N PRO A 913 28.04 -5.65 18.13
CA PRO A 913 28.02 -5.80 19.58
C PRO A 913 26.80 -6.55 20.10
N THR A 914 26.91 -6.97 21.36
CA THR A 914 25.76 -7.46 22.10
C THR A 914 25.13 -6.29 22.87
N VAL A 915 23.81 -6.18 22.79
CA VAL A 915 23.06 -5.13 23.47
C VAL A 915 22.12 -5.79 24.47
N ILE A 916 22.25 -5.36 25.73
CA ILE A 916 21.39 -5.79 26.84
C ILE A 916 20.35 -4.72 27.09
N ARG A 917 19.22 -5.06 27.70
CA ARG A 917 18.18 -4.07 28.01
C ARG A 917 18.69 -3.05 29.04
N ASN A 918 18.23 -1.81 28.93
CA ASN A 918 18.55 -0.78 29.94
C ASN A 918 18.07 -1.20 31.34
N LYS A 919 16.86 -1.76 31.38
CA LYS A 919 16.19 -2.13 32.63
C LYS A 919 15.62 -3.53 32.54
N LEU A 920 15.90 -4.34 33.57
CA LEU A 920 15.35 -5.67 33.69
C LEU A 920 14.26 -5.59 34.72
N GLU A 921 13.04 -5.42 34.21
CA GLU A 921 11.87 -5.10 35.03
C GLU A 921 11.55 -6.30 35.94
N ALA A 922 11.49 -6.06 37.26
CA ALA A 922 11.25 -7.14 38.23
C ALA A 922 9.91 -7.88 37.95
N GLU A 923 8.93 -7.13 37.47
CA GLU A 923 7.64 -7.69 37.03
C GLU A 923 7.72 -8.72 35.87
N VAL A 924 8.75 -8.65 35.03
CA VAL A 924 8.91 -9.56 33.87
C VAL A 924 9.78 -10.78 34.20
N LEU A 925 10.82 -10.57 35.00
CA LEU A 925 11.73 -11.63 35.37
C LEU A 925 10.99 -12.79 36.04
N SER A 926 11.43 -14.01 35.74
CA SER A 926 10.90 -15.21 36.39
C SER A 926 11.56 -15.38 37.76
N ILE A 927 10.76 -15.84 38.73
CA ILE A 927 11.23 -16.12 40.09
C ILE A 927 11.64 -17.60 40.14
N ASN A 928 12.93 -17.87 40.32
CA ASN A 928 13.42 -19.24 40.38
C ASN A 928 13.00 -19.94 41.69
N LEU A 929 13.02 -19.19 42.78
CA LEU A 929 12.59 -19.67 44.09
C LEU A 929 12.40 -18.52 45.08
N GLU A 960 14.63 -15.27 44.92
CA GLU A 960 15.61 -15.60 43.88
C GLU A 960 15.06 -15.43 42.46
N TYR A 961 15.55 -14.40 41.75
CA TYR A 961 15.22 -14.11 40.35
C TYR A 961 16.13 -14.86 39.41
N ALA A 962 15.57 -15.37 38.32
CA ALA A 962 16.35 -15.76 37.16
C ALA A 962 16.63 -14.50 36.34
N VAL A 963 17.89 -14.24 36.04
CA VAL A 963 18.27 -13.06 35.25
C VAL A 963 19.16 -13.49 34.10
N ASN A 964 18.72 -13.24 32.88
CA ASN A 964 19.52 -13.63 31.72
C ASN A 964 20.63 -12.65 31.46
N VAL A 965 21.84 -13.17 31.24
CA VAL A 965 23.00 -12.35 30.84
C VAL A 965 23.43 -12.77 29.44
N PRO A 966 23.28 -11.87 28.47
CA PRO A 966 23.44 -12.30 27.09
C PRO A 966 24.88 -12.55 26.62
N LYS A 967 25.87 -12.06 27.38
CA LYS A 967 27.27 -12.18 26.99
C LYS A 967 28.14 -12.24 28.22
N ALA A 968 29.16 -13.11 28.19
CA ALA A 968 30.10 -13.21 29.31
C ALA A 968 30.78 -11.86 29.41
N GLY A 969 30.95 -11.35 30.62
CA GLY A 969 31.63 -10.08 30.77
C GLY A 969 31.43 -9.56 32.17
N THR A 970 31.84 -8.32 32.38
CA THR A 970 31.71 -7.63 33.66
C THR A 970 30.64 -6.58 33.53
N TYR A 971 29.78 -6.49 34.55
CA TYR A 971 28.67 -5.55 34.59
C TYR A 971 28.58 -4.86 35.95
N GLN A 972 28.10 -3.63 35.93
CA GLN A 972 27.76 -2.88 37.13
C GLN A 972 26.37 -3.32 37.55
N VAL A 973 26.25 -3.85 38.77
CA VAL A 973 24.98 -4.40 39.26
C VAL A 973 24.28 -3.38 40.14
N SER A 974 22.98 -3.20 39.90
CA SER A 974 22.19 -2.14 40.56
C SER A 974 20.71 -2.49 40.64
N ALA A 975 20.02 -1.99 41.69
CA ALA A 975 18.58 -2.24 41.90
C ALA A 975 17.85 -1.03 42.49
N UNK A 976 13.31 -2.81 39.00
CA UNK A 976 14.35 -2.92 37.92
C UNK A 976 15.61 -3.48 38.57
N UNK A 977 16.22 -4.46 37.92
CA UNK A 977 17.60 -4.81 38.14
C UNK A 977 18.23 -4.23 36.92
N UNK A 978 19.34 -3.51 37.11
CA UNK A 978 20.05 -2.94 35.97
C UNK A 978 21.46 -3.51 35.98
N UNK A 979 21.87 -4.04 34.82
CA UNK A 979 23.21 -4.54 34.59
C UNK A 979 23.78 -3.65 33.52
N UNK A 980 24.62 -2.69 33.92
CA UNK A 980 25.26 -1.77 32.96
C UNK A 980 26.64 -2.33 32.63
N UNK A 981 26.85 -2.65 31.35
CA UNK A 981 28.11 -3.25 30.90
C UNK A 981 29.31 -2.37 31.11
N UNK A 982 30.39 -2.99 31.57
CA UNK A 982 31.71 -2.35 31.69
C UNK A 982 32.50 -2.91 30.52
N UNK A 983 32.38 -2.21 29.38
CA UNK A 983 32.99 -2.57 28.09
C UNK A 983 34.40 -3.18 28.07
N UNK A 984 5.27 6.05 39.83
CA UNK A 984 4.64 6.34 38.53
C UNK A 984 3.43 5.48 38.24
N UNK A 985 3.10 4.55 39.14
CA UNK A 985 2.23 3.40 38.84
C UNK A 985 2.30 2.35 39.91
N UNK A 986 1.51 1.29 39.77
CA UNK A 986 1.51 0.16 40.71
C UNK A 986 0.79 -1.08 40.20
N UNK A 987 1.06 -2.20 40.87
CA UNK A 987 0.57 -3.56 40.50
C UNK A 987 1.65 -4.54 40.91
N UNK A 988 1.27 -5.72 41.39
CA UNK A 988 2.23 -6.70 41.91
C UNK A 988 1.68 -8.10 41.89
N UNK A 989 17.67 3.88 43.78
CA UNK A 989 18.76 3.14 43.13
C UNK A 989 19.83 2.78 44.14
N UNK A 990 20.14 1.49 44.24
CA UNK A 990 21.12 0.93 45.21
C UNK A 990 22.17 0.19 44.41
N UNK A 991 23.40 0.72 44.40
CA UNK A 991 24.51 0.15 43.62
C UNK A 991 25.11 -0.99 44.40
N UNK A 992 25.23 -2.14 43.77
CA UNK A 992 25.69 -3.37 44.44
C UNK A 992 26.96 -3.94 43.79
N GLY A 993 27.81 -3.04 43.27
CA GLY A 993 29.15 -3.40 42.77
C GLY A 993 29.21 -4.09 41.42
N UNK A 994 30.41 -4.55 41.07
CA UNK A 994 30.66 -5.18 39.77
C UNK A 994 30.66 -6.68 39.94
N UNK A 995 30.17 -7.38 38.92
CA UNK A 995 30.24 -8.85 38.85
C UNK A 995 30.77 -9.24 37.49
N UNK A 996 31.55 -10.32 37.45
CA UNK A 996 32.04 -10.88 36.18
C UNK A 996 31.28 -12.19 35.96
N UNK A 997 30.55 -12.27 34.85
CA UNK A 997 29.78 -13.46 34.52
C UNK A 997 30.61 -14.27 33.54
N UNK A 998 30.90 -15.52 33.89
CA UNK A 998 31.83 -16.36 33.12
C UNK A 998 31.24 -16.89 31.83
N UNK A 999 29.93 -17.14 31.82
CA UNK A 999 29.25 -17.93 30.76
C UNK A 999 27.88 -17.35 30.47
N UNK A 1000 27.56 -17.19 29.18
CA UNK A 1000 26.28 -16.60 28.76
C UNK A 1000 25.07 -17.45 29.18
N UNK A 1001 23.98 -16.79 29.61
CA UNK A 1001 22.65 -17.37 29.87
C UNK A 1001 22.13 -17.12 31.28
N UNK A 1002 21.32 -18.02 31.86
CA UNK A 1002 20.54 -17.68 33.07
C UNK A 1002 21.42 -17.62 34.29
N UNK A 1003 21.34 -16.52 35.04
CA UNK A 1003 22.01 -16.37 36.34
C UNK A 1003 20.93 -16.34 37.42
N UNK A 1004 21.30 -16.69 38.65
CA UNK A 1004 20.36 -16.69 39.80
C UNK A 1004 20.71 -15.54 40.73
N UNK A 1005 19.78 -14.59 40.87
CA UNK A 1005 19.96 -13.39 41.71
C UNK A 1005 19.08 -13.51 42.94
N UNK A 1006 19.69 -13.52 44.13
CA UNK A 1006 18.98 -13.71 45.43
C UNK A 1006 19.42 -12.70 46.47
N UNK A 1007 4.83 -1.02 36.96
CA UNK A 1007 4.64 -2.14 37.89
C UNK A 1007 5.87 -2.45 38.71
N UNK A 1008 5.71 -3.26 39.77
CA UNK A 1008 6.83 -3.81 40.55
C UNK A 1008 6.45 -5.17 41.10
N UNK A 1009 7.43 -5.98 41.54
CA UNK A 1009 7.14 -7.26 42.26
C UNK A 1009 7.49 -7.14 43.72
PT PT B . -8.66 -19.30 -10.65
PT PT C . -5.61 6.35 -15.60
C1 B3P D . -6.82 -5.51 -10.30
C2 B3P D . -6.66 -4.13 -9.66
C3 B3P D . -7.71 -5.43 -11.54
N1 B3P D . -7.12 -4.72 -12.66
C4 B3P D . -7.92 -4.14 -13.73
C5 B3P D . -8.82 -5.24 -14.34
C6 B3P D . -8.64 -2.92 -13.13
C7 B3P D . -6.97 -3.70 -14.84
N2 B3P D . -5.85 -4.12 -8.44
C8 B3P D . -5.42 -2.85 -7.83
C9 B3P D . -4.63 -3.16 -6.56
C10 B3P D . -6.62 -1.94 -7.54
C11 B3P D . -4.52 -2.05 -8.80
O1 B3P D . -5.38 -3.93 -5.61
O2 B3P D . -7.63 -2.55 -6.77
O3 B3P D . -3.43 -2.84 -9.27
O4 B3P D . -9.94 -5.55 -13.53
O5 B3P D . -7.71 -2.15 -12.34
O6 B3P D . -7.64 -2.96 -15.90
S SCN E . -10.18 -18.03 -8.87
C SCN E . -11.34 -16.77 -8.85
N SCN E . -12.10 -15.86 -8.86
S SCN F . -3.95 4.04 -16.22
C SCN F . -4.54 3.03 -15.00
N SCN F . -4.99 2.37 -14.17
CA CA G . -34.36 6.82 -2.01
CA CA H . -22.84 14.87 4.75
CA CA I . -22.12 3.82 -31.01
CA CA J . 2.65 -5.89 15.55
CA CA K . 8.47 -1.02 36.26
NA NA L . -5.99 19.37 -0.14
NA NA M . 41.79 2.44 -6.96
NA NA N . 18.48 -9.13 -24.95
CL CL O . -0.49 1.47 12.89
C1 MLI P . 9.98 -6.87 27.47
C2 MLI P . 11.00 -7.03 28.57
C3 MLI P . 10.61 -6.28 26.23
O6 MLI P . 11.57 -8.14 28.70
O7 MLI P . 11.26 -6.03 29.30
O8 MLI P . 11.73 -6.71 25.86
O9 MLI P . 9.99 -5.36 25.63
#